data_8ELF
#
_entry.id   8ELF
#
_cell.length_a   59.251
_cell.length_b   67.050
_cell.length_c   99.398
_cell.angle_alpha   90.000
_cell.angle_beta   97.810
_cell.angle_gamma   90.000
#
_symmetry.space_group_name_H-M   'P 1 21 1'
#
loop_
_entity.id
_entity.type
_entity.pdbx_description
1 polymer 'Uncharacterized protein At1g26090, chloroplastic'
2 non-polymer 'PHOSPHATE ION'
3 non-polymer 'MAGNESIUM ION'
4 non-polymer 1,2-DIMYRISTOYL-SN-GLYCERO-3-PHOSPHATE
5 water water
#
_entity_poly.entity_id   1
_entity_poly.type   'polypeptide(L)'
_entity_poly.pdbx_seq_one_letter_code
;MTKFVTFLGKGGSGKTTAAVFAAQHYALAGLSTCLVIHNQDPSAEFLLGSKIGTSPTLINDNLSVIRLETTKMLLEPLKQ
LKQADARLNMTQGVLEGVVGEELGVLPGMDSIFSMLELERLVGFFRQATRKNHKGKPFDVIIYDGISTEETLRMIGLSSK
TRLYAKYLRSLAEKTDLGRLTSPSIMRFVDESMNINSNKSPFDGMTSPAMWDTLERFLETGASAWRDPERFRSFLVMDPN
NPMSVKAALRYWGCTVQAGSHVSGAFAISSSHLTSQIPKADFVPLPFASASVPFTITGLDWDKILLDQANSSIRELLSET
VSHGTSLTQTVMFDTAKKLVTLFMPGFEKSEIKLYQYRGGSELLIEAGDQRRVIHLPSQIQGKVGGAKFVDRSLIVTMRL
EHHHHHH
;
_entity_poly.pdbx_strand_id   A,B
#
# COMPACT_ATOMS: atom_id res chain seq x y z
N THR A 2 -14.44 0.92 21.63
CA THR A 2 -14.22 0.19 20.39
C THR A 2 -12.81 -0.37 20.32
N LYS A 3 -12.71 -1.66 19.98
CA LYS A 3 -11.44 -2.35 19.83
C LYS A 3 -11.11 -2.53 18.36
N PHE A 4 -9.82 -2.71 18.08
CA PHE A 4 -9.30 -2.84 16.73
C PHE A 4 -8.50 -4.12 16.63
N VAL A 5 -8.72 -4.88 15.55
CA VAL A 5 -8.05 -6.16 15.33
C VAL A 5 -7.61 -6.25 13.88
N THR A 6 -6.37 -6.68 13.66
CA THR A 6 -5.84 -6.87 12.32
C THR A 6 -4.91 -8.07 12.32
N PHE A 7 -4.67 -8.62 11.13
CA PHE A 7 -3.87 -9.82 10.95
C PHE A 7 -2.69 -9.52 10.03
N LEU A 8 -1.50 -9.93 10.46
CA LEU A 8 -0.26 -9.60 9.78
C LEU A 8 0.39 -10.89 9.27
N GLY A 9 0.79 -10.90 8.01
CA GLY A 9 1.47 -12.05 7.45
C GLY A 9 1.64 -11.90 5.96
N LYS A 10 2.43 -12.83 5.41
CA LYS A 10 2.71 -12.84 3.98
C LYS A 10 1.44 -13.11 3.18
N GLY A 11 1.46 -12.70 1.92
CA GLY A 11 0.40 -13.06 1.02
C GLY A 11 0.18 -14.55 1.00
N GLY A 12 -1.09 -14.97 0.98
CA GLY A 12 -1.44 -16.36 0.95
C GLY A 12 -1.31 -17.09 2.25
N SER A 13 -1.13 -16.37 3.36
CA SER A 13 -0.91 -16.97 4.67
C SER A 13 -2.20 -17.11 5.48
N GLY A 14 -3.35 -16.74 4.90
CA GLY A 14 -4.61 -16.87 5.60
C GLY A 14 -5.08 -15.62 6.31
N LYS A 15 -4.57 -14.45 5.93
CA LYS A 15 -5.00 -13.21 6.58
C LYS A 15 -6.50 -13.02 6.44
N THR A 16 -6.99 -12.97 5.19
CA THR A 16 -8.41 -12.73 4.97
C THR A 16 -9.25 -13.83 5.61
N THR A 17 -8.84 -15.08 5.45
CA THR A 17 -9.53 -16.19 6.11
C THR A 17 -9.61 -15.98 7.62
N ALA A 18 -8.49 -15.57 8.23
CA ALA A 18 -8.48 -15.33 9.67
C ALA A 18 -9.39 -14.17 10.04
N ALA A 19 -9.42 -13.12 9.22
CA ALA A 19 -10.25 -11.95 9.52
C ALA A 19 -11.73 -12.29 9.48
N VAL A 20 -12.17 -13.08 8.49
CA VAL A 20 -13.57 -13.46 8.42
C VAL A 20 -13.93 -14.43 9.53
N PHE A 21 -13.02 -15.34 9.87
CA PHE A 21 -13.23 -16.22 11.02
C PHE A 21 -13.39 -15.40 12.30
N ALA A 22 -12.48 -14.46 12.52
CA ALA A 22 -12.57 -13.63 13.73
C ALA A 22 -13.87 -12.83 13.75
N ALA A 23 -14.28 -12.30 12.61
CA ALA A 23 -15.52 -11.51 12.56
C ALA A 23 -16.72 -12.37 12.94
N GLN A 24 -16.80 -13.59 12.41
CA GLN A 24 -17.89 -14.49 12.77
C GLN A 24 -17.85 -14.86 14.24
N HIS A 25 -16.65 -15.12 14.77
CA HIS A 25 -16.54 -15.50 16.17
C HIS A 25 -17.02 -14.39 17.10
N TYR A 26 -16.59 -13.15 16.84
CA TYR A 26 -16.95 -12.05 17.72
C TYR A 26 -18.45 -11.76 17.66
N ALA A 27 -19.02 -11.75 16.45
CA ALA A 27 -20.46 -11.55 16.32
C ALA A 27 -21.24 -12.64 17.05
N LEU A 28 -20.79 -13.88 16.94
CA LEU A 28 -21.45 -14.98 17.66
C LEU A 28 -21.35 -14.79 19.17
N ALA A 29 -20.24 -14.21 19.64
CA ALA A 29 -20.09 -13.92 21.07
C ALA A 29 -20.92 -12.72 21.52
N GLY A 30 -21.71 -12.13 20.64
CA GLY A 30 -22.58 -11.03 21.02
C GLY A 30 -22.02 -9.65 20.85
N LEU A 31 -20.85 -9.52 20.22
CA LEU A 31 -20.21 -8.22 20.02
C LEU A 31 -20.62 -7.63 18.67
N SER A 32 -20.92 -6.34 18.67
CA SER A 32 -21.20 -5.63 17.43
C SER A 32 -19.89 -5.48 16.65
N THR A 33 -19.78 -6.17 15.52
CA THR A 33 -18.53 -6.33 14.80
C THR A 33 -18.63 -5.73 13.40
N CYS A 34 -17.59 -5.01 13.00
CA CYS A 34 -17.48 -4.47 11.65
C CYS A 34 -16.24 -5.05 10.98
N LEU A 35 -16.44 -5.79 9.90
CA LEU A 35 -15.34 -6.29 9.07
C LEU A 35 -15.10 -5.28 7.95
N VAL A 36 -13.91 -4.69 7.94
CA VAL A 36 -13.54 -3.63 6.99
C VAL A 36 -12.54 -4.21 6.00
N ILE A 37 -12.88 -4.16 4.71
CA ILE A 37 -12.03 -4.68 3.66
C ILE A 37 -11.66 -3.53 2.73
N HIS A 38 -10.36 -3.25 2.62
CA HIS A 38 -9.89 -2.22 1.70
C HIS A 38 -8.93 -2.87 0.70
N ASN A 39 -9.51 -3.49 -0.32
CA ASN A 39 -8.78 -4.07 -1.43
C ASN A 39 -9.81 -4.57 -2.42
N GLN A 40 -9.35 -5.09 -3.55
CA GLN A 40 -10.22 -5.62 -4.59
C GLN A 40 -10.17 -7.14 -4.65
N ASP A 41 -9.68 -7.79 -3.60
CA ASP A 41 -9.62 -9.24 -3.54
C ASP A 41 -11.03 -9.79 -3.32
N PRO A 42 -11.54 -10.65 -4.21
CA PRO A 42 -12.88 -11.22 -4.01
C PRO A 42 -12.95 -12.32 -2.96
N SER A 43 -11.81 -12.67 -2.35
CA SER A 43 -11.78 -13.80 -1.41
C SER A 43 -12.76 -13.62 -0.27
N ALA A 44 -12.86 -12.41 0.28
CA ALA A 44 -13.76 -12.19 1.41
C ALA A 44 -15.19 -12.55 1.05
N GLU A 45 -15.60 -12.28 -0.19
CA GLU A 45 -16.98 -12.55 -0.59
C GLU A 45 -17.24 -14.05 -0.67
N PHE A 46 -16.29 -14.81 -1.22
CA PHE A 46 -16.42 -16.26 -1.25
C PHE A 46 -16.45 -16.83 0.16
N LEU A 47 -15.63 -16.29 1.06
CA LEU A 47 -15.61 -16.79 2.43
C LEU A 47 -16.92 -16.48 3.14
N LEU A 48 -17.43 -15.26 2.99
CA LEU A 48 -18.69 -14.88 3.62
C LEU A 48 -19.90 -15.48 2.91
N GLY A 49 -19.78 -15.79 1.63
CA GLY A 49 -20.93 -16.22 0.86
C GLY A 49 -21.89 -15.10 0.56
N SER A 50 -21.38 -13.90 0.35
CA SER A 50 -22.23 -12.74 0.08
C SER A 50 -21.41 -11.69 -0.65
N LYS A 51 -22.07 -10.97 -1.55
CA LYS A 51 -21.44 -9.82 -2.18
C LYS A 51 -21.25 -8.73 -1.14
N ILE A 52 -20.15 -7.99 -1.28
CA ILE A 52 -19.79 -6.93 -0.34
C ILE A 52 -19.62 -5.64 -1.14
N GLY A 53 -19.96 -4.52 -0.49
CA GLY A 53 -19.87 -3.24 -1.16
C GLY A 53 -19.59 -2.07 -0.24
N THR A 54 -19.71 -0.86 -0.78
CA THR A 54 -19.45 0.33 0.04
C THR A 54 -20.52 0.50 1.12
N SER A 55 -21.75 0.09 0.84
CA SER A 55 -22.79 0.12 1.87
C SER A 55 -22.67 -1.11 2.76
N PRO A 56 -22.92 -0.96 4.06
CA PRO A 56 -22.76 -2.11 4.96
C PRO A 56 -23.67 -3.27 4.59
N THR A 57 -23.12 -4.47 4.69
CA THR A 57 -23.84 -5.73 4.49
C THR A 57 -23.89 -6.45 5.83
N LEU A 58 -25.09 -6.76 6.29
CA LEU A 58 -25.29 -7.38 7.59
C LEU A 58 -25.46 -8.88 7.41
N ILE A 59 -24.40 -9.64 7.71
CA ILE A 59 -24.50 -11.09 7.72
C ILE A 59 -25.46 -11.54 8.81
N ASN A 60 -25.37 -10.90 9.99
CA ASN A 60 -26.36 -11.06 11.05
C ASN A 60 -26.41 -9.73 11.80
N ASP A 61 -27.22 -9.70 12.86
CA ASP A 61 -27.43 -8.44 13.56
C ASP A 61 -26.15 -7.91 14.21
N ASN A 62 -25.12 -8.75 14.33
CA ASN A 62 -23.87 -8.36 14.98
C ASN A 62 -22.67 -8.35 14.04
N LEU A 63 -22.86 -8.63 12.75
CA LEU A 63 -21.74 -8.72 11.81
C LEU A 63 -22.03 -7.87 10.58
N SER A 64 -21.42 -6.70 10.54
CA SER A 64 -21.51 -5.79 9.40
C SER A 64 -20.21 -5.85 8.62
N VAL A 65 -20.31 -5.97 7.29
CA VAL A 65 -19.15 -6.05 6.41
C VAL A 65 -19.24 -4.90 5.41
N ILE A 66 -18.15 -4.15 5.27
CA ILE A 66 -18.04 -3.07 4.31
C ILE A 66 -16.73 -3.23 3.55
N ARG A 67 -16.76 -2.92 2.25
CA ARG A 67 -15.55 -2.73 1.46
C ARG A 67 -15.35 -1.23 1.26
N LEU A 68 -14.24 -0.71 1.74
CA LEU A 68 -13.93 0.70 1.54
C LEU A 68 -13.52 0.94 0.09
N GLU A 69 -13.87 2.11 -0.42
CA GLU A 69 -13.53 2.49 -1.78
C GLU A 69 -13.11 3.95 -1.78
N THR A 70 -11.85 4.20 -2.16
CA THR A 70 -11.31 5.55 -2.05
C THR A 70 -12.06 6.53 -2.94
N THR A 71 -12.53 6.07 -4.10
CA THR A 71 -13.35 6.93 -4.95
C THR A 71 -14.47 7.56 -4.15
N LYS A 72 -15.12 6.78 -3.28
CA LYS A 72 -16.23 7.29 -2.47
C LYS A 72 -15.75 7.95 -1.19
N MET A 73 -14.69 7.40 -0.58
CA MET A 73 -14.20 7.94 0.69
C MET A 73 -13.72 9.38 0.56
N LEU A 74 -13.34 9.80 -0.64
CA LEU A 74 -12.82 11.15 -0.82
C LEU A 74 -13.92 12.19 -1.00
N LEU A 75 -15.14 11.76 -1.38
CA LEU A 75 -16.19 12.72 -1.71
C LEU A 75 -16.68 13.45 -0.46
N GLU A 76 -16.98 12.70 0.61
CA GLU A 76 -17.51 13.31 1.81
C GLU A 76 -16.55 14.30 2.45
N PRO A 77 -15.27 13.98 2.64
CA PRO A 77 -14.34 15.01 3.15
C PRO A 77 -14.31 16.27 2.30
N LEU A 78 -14.36 16.11 0.97
CA LEU A 78 -14.42 17.27 0.10
C LEU A 78 -15.66 18.11 0.39
N LYS A 79 -16.80 17.46 0.61
CA LYS A 79 -18.02 18.18 0.95
C LYS A 79 -17.83 19.02 2.21
N GLN A 80 -17.22 18.43 3.25
CA GLN A 80 -16.98 19.18 4.47
C GLN A 80 -16.05 20.36 4.23
N LEU A 81 -15.11 20.23 3.29
CA LEU A 81 -14.21 21.33 2.96
C LEU A 81 -14.90 22.38 2.09
N LYS A 82 -15.95 22.01 1.37
CA LYS A 82 -16.72 22.99 0.61
C LYS A 82 -17.58 23.84 1.53
N GLN A 83 -18.01 23.28 2.66
CA GLN A 83 -18.79 24.05 3.63
C GLN A 83 -17.92 25.12 4.30
N ALA A 84 -16.78 24.72 4.84
CA ALA A 84 -15.90 25.67 5.51
C ALA A 84 -15.48 26.80 4.56
N ASP A 85 -15.30 26.49 3.27
CA ASP A 85 -14.92 27.53 2.33
C ASP A 85 -16.05 28.53 2.11
N ALA A 86 -17.29 28.05 2.11
CA ALA A 86 -18.43 28.95 1.96
C ALA A 86 -18.51 29.91 3.15
N ARG A 87 -18.16 29.43 4.35
CA ARG A 87 -18.21 30.27 5.55
C ARG A 87 -17.03 31.25 5.56
N LEU A 88 -15.81 30.72 5.69
CA LEU A 88 -14.63 31.56 5.79
C LEU A 88 -14.27 32.26 4.48
N ASN A 89 -14.84 31.82 3.35
CA ASN A 89 -14.52 32.41 2.05
C ASN A 89 -13.02 32.40 1.80
N MET A 90 -12.42 31.22 1.96
CA MET A 90 -10.97 31.10 1.82
C MET A 90 -10.55 30.92 0.36
N THR A 91 -11.38 30.25 -0.45
CA THR A 91 -11.06 30.00 -1.85
C THR A 91 -11.89 30.83 -2.81
N GLN A 92 -12.92 31.54 -2.33
CA GLN A 92 -13.79 32.34 -3.18
C GLN A 92 -14.48 31.47 -4.22
N GLY A 93 -15.10 30.39 -3.76
CA GLY A 93 -15.90 29.53 -4.60
C GLY A 93 -15.15 28.56 -5.48
N VAL A 94 -13.81 28.59 -5.48
CA VAL A 94 -13.06 27.67 -6.34
C VAL A 94 -13.26 26.24 -5.87
N LEU A 95 -13.17 26.00 -4.56
CA LEU A 95 -13.38 24.65 -4.04
C LEU A 95 -14.77 24.13 -4.38
N GLU A 96 -15.77 25.03 -4.45
CA GLU A 96 -17.12 24.60 -4.79
C GLU A 96 -17.19 24.05 -6.21
N GLY A 97 -16.27 24.46 -7.09
CA GLY A 97 -16.23 23.97 -8.45
C GLY A 97 -15.51 22.65 -8.63
N VAL A 98 -14.90 22.12 -7.58
CA VAL A 98 -14.20 20.84 -7.67
C VAL A 98 -15.22 19.71 -7.78
N VAL A 99 -15.07 18.87 -8.80
CA VAL A 99 -15.97 17.75 -9.03
C VAL A 99 -15.26 16.52 -8.48
N GLY A 100 -15.55 16.19 -7.22
CA GLY A 100 -14.95 15.01 -6.62
C GLY A 100 -15.31 13.74 -7.35
N GLU A 101 -16.55 13.64 -7.82
CA GLU A 101 -17.02 12.42 -8.48
C GLU A 101 -16.29 12.14 -9.80
N GLU A 102 -15.45 13.07 -10.26
CA GLU A 102 -14.69 12.87 -11.49
C GLU A 102 -13.24 12.46 -11.25
N LEU A 103 -12.76 12.56 -10.02
CA LEU A 103 -11.33 12.40 -9.74
C LEU A 103 -10.96 10.93 -9.60
N GLY A 104 -9.85 10.54 -10.25
CA GLY A 104 -9.31 9.22 -10.09
C GLY A 104 -8.41 9.09 -8.87
N VAL A 105 -8.23 7.86 -8.41
CA VAL A 105 -7.42 7.60 -7.22
C VAL A 105 -5.95 7.58 -7.62
N LEU A 106 -5.13 8.30 -6.86
CA LEU A 106 -3.71 8.42 -7.14
C LEU A 106 -2.89 7.69 -6.08
N PRO A 107 -1.62 7.38 -6.37
CA PRO A 107 -0.78 6.69 -5.39
C PRO A 107 -0.78 7.40 -4.05
N GLY A 108 -0.96 6.62 -2.98
CA GLY A 108 -0.96 7.13 -1.63
C GLY A 108 -2.33 7.38 -1.04
N MET A 109 -3.35 7.61 -1.88
CA MET A 109 -4.66 8.01 -1.36
C MET A 109 -5.36 6.86 -0.64
N ASP A 110 -5.20 5.63 -1.14
CA ASP A 110 -5.76 4.47 -0.45
C ASP A 110 -5.32 4.45 1.01
N SER A 111 -4.01 4.59 1.26
CA SER A 111 -3.50 4.55 2.63
C SER A 111 -4.05 5.69 3.46
N ILE A 112 -4.05 6.90 2.91
CA ILE A 112 -4.50 8.07 3.69
C ILE A 112 -5.97 7.93 4.04
N PHE A 113 -6.81 7.60 3.05
CA PHE A 113 -8.25 7.54 3.31
C PHE A 113 -8.61 6.31 4.12
N SER A 114 -7.89 5.20 3.95
CA SER A 114 -8.11 4.06 4.83
C SER A 114 -7.83 4.43 6.28
N MET A 115 -6.75 5.16 6.51
CA MET A 115 -6.41 5.58 7.87
C MET A 115 -7.49 6.47 8.46
N LEU A 116 -8.08 7.35 7.65
CA LEU A 116 -9.11 8.26 8.14
C LEU A 116 -10.37 7.50 8.53
N GLU A 117 -10.81 6.56 7.68
CA GLU A 117 -12.03 5.82 7.97
C GLU A 117 -11.89 4.99 9.24
N LEU A 118 -10.72 4.39 9.45
CA LEU A 118 -10.52 3.58 10.64
C LEU A 118 -10.55 4.43 11.90
N GLU A 119 -10.07 5.67 11.82
CA GLU A 119 -10.18 6.59 12.96
C GLU A 119 -11.64 6.82 13.32
N ARG A 120 -12.50 7.01 12.31
CA ARG A 120 -13.92 7.22 12.58
C ARG A 120 -14.57 5.98 13.19
N LEU A 121 -14.09 4.79 12.82
CA LEU A 121 -14.72 3.56 13.27
C LEU A 121 -14.24 3.14 14.65
N VAL A 122 -12.95 3.32 14.93
CA VAL A 122 -12.35 2.90 16.19
C VAL A 122 -12.24 4.05 17.17
N GLY A 123 -11.93 5.25 16.68
CA GLY A 123 -11.70 6.38 17.56
C GLY A 123 -10.51 6.20 18.46
N PHE A 124 -9.31 6.21 17.88
CA PHE A 124 -8.10 6.19 18.69
C PHE A 124 -7.77 7.60 19.22
N PHE A 125 -7.74 8.58 18.31
CA PHE A 125 -7.46 9.96 18.72
C PHE A 125 -8.66 10.60 19.38
N ARG A 126 -9.83 10.49 18.75
CA ARG A 126 -11.07 11.05 19.24
C ARG A 126 -12.10 9.94 19.41
N GLN A 127 -13.23 10.29 20.01
CA GLN A 127 -14.32 9.33 20.13
C GLN A 127 -14.77 8.87 18.75
N ALA A 128 -15.10 7.59 18.63
CA ALA A 128 -15.50 7.03 17.35
C ALA A 128 -16.72 7.77 16.79
N THR A 129 -16.70 8.02 15.49
CA THR A 129 -17.74 8.77 14.79
C THR A 129 -18.66 7.88 13.97
N ARG A 130 -18.13 6.82 13.37
CA ARG A 130 -18.93 5.94 12.52
C ARG A 130 -19.65 4.91 13.40
N LYS A 131 -20.97 4.95 13.37
CA LYS A 131 -21.80 4.10 14.22
C LYS A 131 -22.34 2.92 13.43
N ASN A 132 -22.76 1.89 14.17
CA ASN A 132 -23.38 0.72 13.56
C ASN A 132 -24.81 1.08 13.17
N HIS A 133 -25.59 0.06 12.78
CA HIS A 133 -26.96 0.29 12.34
C HIS A 133 -27.92 0.56 13.50
N LYS A 134 -27.48 0.40 14.75
CA LYS A 134 -28.27 0.76 15.91
C LYS A 134 -27.91 2.12 16.46
N GLY A 135 -27.12 2.90 15.72
CA GLY A 135 -26.70 4.20 16.20
C GLY A 135 -25.72 4.16 17.35
N LYS A 136 -24.97 3.08 17.49
CA LYS A 136 -23.99 2.91 18.56
C LYS A 136 -22.62 2.60 17.96
N PRO A 137 -21.55 2.91 18.69
CA PRO A 137 -20.21 2.51 18.21
C PRO A 137 -20.07 1.00 18.17
N PHE A 138 -19.30 0.52 17.20
CA PHE A 138 -19.02 -0.91 17.13
C PHE A 138 -18.20 -1.34 18.34
N ASP A 139 -18.33 -2.61 18.70
CA ASP A 139 -17.50 -3.18 19.74
C ASP A 139 -16.13 -3.58 19.20
N VAL A 140 -16.10 -4.12 17.98
CA VAL A 140 -14.88 -4.65 17.38
C VAL A 140 -14.82 -4.20 15.92
N ILE A 141 -13.66 -3.70 15.51
CA ILE A 141 -13.35 -3.42 14.12
C ILE A 141 -12.25 -4.38 13.71
N ILE A 142 -12.51 -5.18 12.67
CA ILE A 142 -11.52 -6.10 12.11
C ILE A 142 -11.13 -5.56 10.74
N TYR A 143 -9.85 -5.27 10.56
CA TYR A 143 -9.35 -4.58 9.38
C TYR A 143 -8.51 -5.54 8.54
N ASP A 144 -8.91 -5.74 7.29
CA ASP A 144 -8.18 -6.52 6.31
C ASP A 144 -7.85 -5.55 5.18
N GLY A 145 -6.64 -4.99 5.20
CA GLY A 145 -6.34 -3.80 4.43
C GLY A 145 -5.54 -4.07 3.17
N ILE A 146 -4.83 -3.02 2.72
CA ILE A 146 -4.08 -3.07 1.47
C ILE A 146 -3.00 -4.13 1.55
N SER A 147 -2.12 -4.02 2.53
CA SER A 147 -1.05 -4.99 2.71
C SER A 147 -0.58 -4.93 4.15
N THR A 148 0.14 -5.97 4.57
CA THR A 148 0.74 -5.95 5.89
C THR A 148 1.64 -4.73 6.06
N GLU A 149 2.51 -4.47 5.08
CA GLU A 149 3.46 -3.36 5.20
C GLU A 149 2.74 -2.04 5.37
N GLU A 150 1.70 -1.79 4.57
CA GLU A 150 0.97 -0.53 4.68
C GLU A 150 0.21 -0.47 5.99
N THR A 151 -0.38 -1.58 6.42
CA THR A 151 -1.05 -1.60 7.73
C THR A 151 -0.07 -1.28 8.85
N LEU A 152 1.18 -1.71 8.72
CA LEU A 152 2.17 -1.39 9.75
C LEU A 152 2.51 0.10 9.76
N ARG A 153 2.48 0.75 8.58
CA ARG A 153 2.62 2.21 8.56
C ARG A 153 1.49 2.87 9.33
N MET A 154 0.28 2.30 9.27
CA MET A 154 -0.85 2.87 9.97
C MET A 154 -0.74 2.64 11.47
N ILE A 155 -0.29 1.45 11.89
CA ILE A 155 -0.14 1.17 13.30
C ILE A 155 0.89 2.10 13.94
N GLY A 156 1.87 2.57 13.17
CA GLY A 156 2.93 3.38 13.73
C GLY A 156 2.74 4.87 13.59
N LEU A 157 1.69 5.30 12.87
CA LEU A 157 1.50 6.71 12.58
C LEU A 157 1.56 7.55 13.85
N SER A 158 0.80 7.17 14.87
CA SER A 158 0.65 8.02 16.05
C SER A 158 1.98 8.24 16.76
N SER A 159 2.88 7.26 16.72
CA SER A 159 4.16 7.36 17.41
C SER A 159 5.21 8.12 16.62
N LYS A 160 4.97 8.37 15.32
CA LYS A 160 5.98 8.95 14.45
C LYS A 160 5.57 10.29 13.86
N THR A 161 4.35 10.75 14.13
CA THR A 161 3.90 12.04 13.61
C THR A 161 4.41 13.19 14.46
N ARG A 162 4.65 12.95 15.75
CA ARG A 162 4.99 14.02 16.67
C ARG A 162 6.23 14.77 16.21
N LEU A 163 7.20 14.07 15.59
CA LEU A 163 8.36 14.74 15.02
C LEU A 163 7.95 15.60 13.84
N TYR A 164 7.17 15.03 12.91
CA TYR A 164 6.69 15.81 11.77
C TYR A 164 5.89 17.03 12.22
N ALA A 165 5.08 16.86 13.28
CA ALA A 165 4.25 17.96 13.75
C ALA A 165 5.09 19.07 14.37
N LYS A 166 6.20 18.72 15.03
CA LYS A 166 7.10 19.73 15.56
C LYS A 166 7.64 20.62 14.45
N TYR A 167 8.21 20.00 13.41
CA TYR A 167 8.79 20.76 12.31
C TYR A 167 7.74 21.61 11.61
N LEU A 168 6.50 21.10 11.51
CA LEU A 168 5.45 21.86 10.83
C LEU A 168 5.01 23.05 11.67
N ARG A 169 4.98 22.90 12.99
CA ARG A 169 4.68 24.04 13.85
C ARG A 169 5.75 25.11 13.75
N SER A 170 7.02 24.69 13.65
CA SER A 170 8.09 25.66 13.46
C SER A 170 7.91 26.44 12.17
N LEU A 171 7.66 25.73 11.06
CA LEU A 171 7.48 26.43 9.79
C LEU A 171 6.30 27.39 9.83
N ALA A 172 5.31 27.12 10.68
CA ALA A 172 4.11 27.93 10.75
C ALA A 172 4.26 29.13 11.68
N GLU A 173 5.10 29.02 12.71
CA GLU A 173 5.23 30.06 13.72
C GLU A 173 6.58 30.78 13.69
N LYS A 174 7.53 30.31 12.89
CA LYS A 174 8.88 30.87 12.89
C LYS A 174 9.33 31.34 11.51
N THR A 175 8.44 31.34 10.52
CA THR A 175 8.75 31.81 9.18
C THR A 175 7.76 32.90 8.78
N ASP A 176 8.19 33.77 7.86
CA ASP A 176 7.34 34.88 7.43
C ASP A 176 6.10 34.36 6.71
N LEU A 177 6.29 33.48 5.72
CA LEU A 177 5.14 32.90 5.05
C LEU A 177 4.28 32.10 6.01
N GLY A 178 4.90 31.47 7.02
CA GLY A 178 4.14 30.72 7.99
C GLY A 178 3.29 31.63 8.87
N ARG A 179 3.92 32.66 9.46
CA ARG A 179 3.18 33.59 10.29
C ARG A 179 2.07 34.30 9.52
N LEU A 180 2.22 34.41 8.20
CA LEU A 180 1.24 35.14 7.39
C LEU A 180 0.05 34.26 7.01
N THR A 181 0.26 32.96 6.85
CA THR A 181 -0.76 32.04 6.35
C THR A 181 -1.29 31.10 7.41
N SER A 182 -0.43 30.56 8.27
CA SER A 182 -0.84 29.64 9.32
C SER A 182 -2.12 30.07 10.05
N PRO A 183 -2.25 31.31 10.52
CA PRO A 183 -3.53 31.70 11.17
C PRO A 183 -4.75 31.40 10.32
N SER A 184 -4.73 31.79 9.04
CA SER A 184 -5.88 31.54 8.18
C SER A 184 -6.11 30.05 7.95
N ILE A 185 -5.02 29.30 7.76
CA ILE A 185 -5.16 27.87 7.47
C ILE A 185 -5.66 27.11 8.70
N MET A 186 -5.20 27.52 9.89
CA MET A 186 -5.67 26.85 11.11
C MET A 186 -7.14 27.11 11.36
N ARG A 187 -7.67 28.24 10.90
CA ARG A 187 -9.10 28.51 11.04
C ARG A 187 -9.91 27.63 10.10
N PHE A 188 -9.50 27.54 8.84
CA PHE A 188 -10.23 26.73 7.87
C PHE A 188 -10.30 25.27 8.31
N VAL A 189 -9.19 24.74 8.83
CA VAL A 189 -9.19 23.37 9.33
C VAL A 189 -10.19 23.23 10.48
N ASP A 190 -10.26 24.25 11.34
CA ASP A 190 -11.16 24.20 12.49
C ASP A 190 -12.61 23.95 12.05
N GLU A 191 -13.14 24.83 11.20
CA GLU A 191 -14.53 24.70 10.79
C GLU A 191 -14.78 23.39 10.06
N SER A 192 -13.85 22.98 9.18
CA SER A 192 -14.06 21.78 8.39
C SER A 192 -14.44 20.59 9.27
N MET A 193 -13.75 20.41 10.38
CA MET A 193 -14.04 19.31 11.30
C MET A 193 -15.38 19.52 11.98
N MET A 205 -10.52 28.40 18.97
CA MET A 205 -9.36 28.61 19.81
C MET A 205 -8.34 29.51 19.14
N THR A 206 -7.23 29.77 19.83
CA THR A 206 -6.11 30.48 19.25
C THR A 206 -5.18 29.50 18.55
N SER A 207 -4.48 29.99 17.53
CA SER A 207 -3.55 29.14 16.80
C SER A 207 -2.57 28.41 17.71
N PRO A 208 -1.84 29.09 18.62
CA PRO A 208 -1.03 28.31 19.57
C PRO A 208 -1.82 27.28 20.36
N ALA A 209 -3.05 27.62 20.76
CA ALA A 209 -3.90 26.65 21.42
C ALA A 209 -4.16 25.45 20.51
N MET A 210 -4.45 25.71 19.23
CA MET A 210 -4.67 24.63 18.28
C MET A 210 -3.46 23.71 18.22
N TRP A 211 -2.27 24.29 18.04
CA TRP A 211 -1.06 23.47 17.97
C TRP A 211 -0.86 22.68 19.25
N ASP A 212 -0.97 23.35 20.41
CA ASP A 212 -0.82 22.65 21.68
C ASP A 212 -1.83 21.50 21.80
N THR A 213 -3.07 21.75 21.38
CA THR A 213 -4.09 20.70 21.50
C THR A 213 -3.83 19.57 20.51
N LEU A 214 -3.42 19.91 19.29
CA LEU A 214 -3.02 18.87 18.34
C LEU A 214 -1.97 17.95 18.95
N GLU A 215 -0.92 18.52 19.52
CA GLU A 215 0.15 17.70 20.09
C GLU A 215 -0.39 16.81 21.21
N ARG A 216 -1.35 17.32 21.99
CA ARG A 216 -2.04 16.47 22.96
C ARG A 216 -2.87 15.41 22.25
N PHE A 217 -3.64 15.82 21.23
CA PHE A 217 -4.47 14.86 20.50
C PHE A 217 -3.60 13.80 19.85
N LEU A 218 -2.37 14.15 19.45
CA LEU A 218 -1.50 13.18 18.82
C LEU A 218 -1.03 12.12 19.83
N GLU A 219 -0.55 12.56 20.99
CA GLU A 219 -0.12 11.60 22.01
C GLU A 219 -1.29 10.85 22.61
N THR A 220 -2.50 11.42 22.58
CA THR A 220 -3.67 10.71 23.05
C THR A 220 -3.99 9.51 22.16
N GLY A 221 -3.79 9.66 20.85
CA GLY A 221 -4.01 8.56 19.94
C GLY A 221 -2.87 7.57 19.91
N ALA A 222 -1.65 8.02 20.21
CA ALA A 222 -0.54 7.07 20.31
C ALA A 222 -0.68 6.20 21.55
N SER A 223 -1.24 6.75 22.63
CA SER A 223 -1.53 5.94 23.81
C SER A 223 -2.61 4.91 23.53
N ALA A 224 -3.58 5.26 22.67
CA ALA A 224 -4.64 4.32 22.34
C ALA A 224 -4.14 3.22 21.41
N TRP A 225 -3.24 3.56 20.48
CA TRP A 225 -2.67 2.57 19.59
C TRP A 225 -1.68 1.66 20.29
N ARG A 226 -1.23 2.03 21.49
CA ARG A 226 -0.40 1.16 22.33
C ARG A 226 -1.22 0.39 23.35
N ASP A 227 -2.49 0.73 23.52
CA ASP A 227 -3.32 0.10 24.56
C ASP A 227 -3.71 -1.31 24.16
N PRO A 228 -3.31 -2.33 24.92
CA PRO A 228 -3.76 -3.70 24.59
C PRO A 228 -5.27 -3.89 24.70
N GLU A 229 -5.96 -3.05 25.46
CA GLU A 229 -7.42 -3.14 25.55
C GLU A 229 -8.12 -2.45 24.39
N ARG A 230 -7.37 -1.84 23.48
CA ARG A 230 -7.94 -1.15 22.33
C ARG A 230 -7.40 -1.63 20.98
N PHE A 231 -6.23 -2.24 20.95
CA PHE A 231 -5.58 -2.64 19.71
C PHE A 231 -5.00 -4.03 19.87
N ARG A 232 -5.31 -4.92 18.93
CA ARG A 232 -4.78 -6.28 18.95
C ARG A 232 -4.35 -6.63 17.53
N SER A 233 -3.11 -7.10 17.39
CA SER A 233 -2.59 -7.57 16.12
C SER A 233 -2.14 -9.01 16.28
N PHE A 234 -2.37 -9.82 15.25
CA PHE A 234 -2.08 -11.24 15.26
C PHE A 234 -1.28 -11.60 14.01
N LEU A 235 -0.25 -12.42 14.20
CA LEU A 235 0.46 -13.00 13.07
C LEU A 235 -0.31 -14.21 12.53
N VAL A 236 -0.33 -14.36 11.22
CA VAL A 236 -0.88 -15.55 10.58
C VAL A 236 0.17 -16.16 9.67
N MET A 237 0.14 -17.48 9.55
CA MET A 237 1.07 -18.19 8.70
C MET A 237 0.42 -19.48 8.21
N ASP A 238 0.89 -19.94 7.05
CA ASP A 238 0.59 -21.28 6.58
C ASP A 238 1.68 -22.21 7.11
N PRO A 239 1.39 -23.06 8.11
CA PRO A 239 2.47 -23.81 8.76
C PRO A 239 3.22 -24.76 7.83
N ASN A 240 2.70 -25.03 6.63
CA ASN A 240 3.36 -25.89 5.66
C ASN A 240 4.12 -25.11 4.61
N ASN A 241 4.29 -23.80 4.79
CA ASN A 241 5.10 -22.98 3.90
C ASN A 241 6.20 -22.30 4.72
N PRO A 242 7.47 -22.70 4.56
CA PRO A 242 8.53 -22.05 5.35
C PRO A 242 8.62 -20.56 5.15
N MET A 243 8.40 -20.06 3.93
CA MET A 243 8.45 -18.62 3.72
C MET A 243 7.34 -17.92 4.48
N SER A 244 6.17 -18.56 4.61
CA SER A 244 5.09 -17.96 5.38
C SER A 244 5.47 -17.81 6.84
N VAL A 245 6.14 -18.81 7.40
CA VAL A 245 6.52 -18.76 8.81
C VAL A 245 7.62 -17.72 9.03
N LYS A 246 8.61 -17.70 8.14
CA LYS A 246 9.68 -16.71 8.26
C LYS A 246 9.13 -15.29 8.11
N ALA A 247 8.18 -15.10 7.20
CA ALA A 247 7.59 -13.78 7.02
C ALA A 247 6.87 -13.32 8.27
N ALA A 248 6.23 -14.26 8.98
CA ALA A 248 5.52 -13.90 10.21
C ALA A 248 6.49 -13.40 11.29
N LEU A 249 7.66 -14.05 11.40
CA LEU A 249 8.68 -13.58 12.32
C LEU A 249 9.16 -12.17 11.94
N ARG A 250 9.34 -11.93 10.64
CA ARG A 250 9.78 -10.62 10.18
C ARG A 250 8.76 -9.54 10.51
N TYR A 251 7.49 -9.78 10.20
CA TYR A 251 6.48 -8.77 10.45
C TYR A 251 6.24 -8.56 11.94
N TRP A 252 6.51 -9.59 12.75
CA TRP A 252 6.56 -9.40 14.20
C TRP A 252 7.57 -8.30 14.57
N GLY A 253 8.80 -8.42 14.06
CA GLY A 253 9.78 -7.38 14.30
C GLY A 253 9.35 -6.03 13.76
N CYS A 254 8.74 -6.02 12.57
CA CYS A 254 8.27 -4.76 12.01
C CYS A 254 7.20 -4.13 12.88
N THR A 255 6.37 -4.96 13.54
CA THR A 255 5.37 -4.42 14.45
C THR A 255 6.04 -3.76 15.65
N VAL A 256 7.07 -4.39 16.20
CA VAL A 256 7.82 -3.77 17.29
C VAL A 256 8.46 -2.47 16.82
N GLN A 257 8.96 -2.45 15.57
CA GLN A 257 9.61 -1.26 15.06
C GLN A 257 8.61 -0.15 14.79
N ALA A 258 7.37 -0.50 14.46
CA ALA A 258 6.30 0.49 14.33
C ALA A 258 5.93 1.12 15.66
N GLY A 259 6.42 0.59 16.77
CA GLY A 259 6.07 1.07 18.08
C GLY A 259 4.94 0.33 18.75
N SER A 260 4.61 -0.87 18.28
CA SER A 260 3.44 -1.59 18.77
C SER A 260 3.87 -2.98 19.25
N HIS A 261 2.91 -3.90 19.35
CA HIS A 261 3.16 -5.23 19.84
C HIS A 261 2.23 -6.21 19.14
N VAL A 262 2.60 -7.48 19.19
CA VAL A 262 1.79 -8.58 18.64
C VAL A 262 1.16 -9.31 19.81
N SER A 263 -0.10 -9.71 19.63
CA SER A 263 -0.87 -10.36 20.70
C SER A 263 -1.00 -11.86 20.53
N GLY A 264 -0.65 -12.40 19.37
CA GLY A 264 -0.73 -13.84 19.17
C GLY A 264 -0.37 -14.20 17.74
N ALA A 265 -0.21 -15.51 17.53
CA ALA A 265 0.16 -16.07 16.24
C ALA A 265 -0.78 -17.22 15.92
N PHE A 266 -1.20 -17.32 14.65
CA PHE A 266 -2.14 -18.32 14.21
C PHE A 266 -1.59 -19.08 13.01
N ALA A 267 -1.74 -20.41 13.04
CA ALA A 267 -1.43 -21.26 11.89
C ALA A 267 -2.77 -21.66 11.25
N ILE A 268 -3.09 -21.03 10.12
CA ILE A 268 -4.33 -21.30 9.40
C ILE A 268 -4.06 -22.38 8.36
N SER A 269 -4.96 -23.35 8.28
CA SER A 269 -4.87 -24.43 7.32
C SER A 269 -6.26 -24.77 6.82
N SER A 270 -6.35 -25.14 5.55
CA SER A 270 -7.59 -25.60 4.95
C SER A 270 -7.91 -27.06 5.27
N SER A 271 -7.15 -27.67 6.18
CA SER A 271 -7.33 -29.06 6.55
C SER A 271 -6.99 -29.23 8.02
N HIS A 272 -7.27 -30.43 8.54
CA HIS A 272 -6.97 -30.77 9.93
C HIS A 272 -5.68 -31.59 10.06
N LEU A 273 -4.72 -31.36 9.16
CA LEU A 273 -3.45 -32.09 9.22
C LEU A 273 -2.41 -31.29 10.00
N GLN A 276 2.78 -29.79 12.34
CA GLN A 276 4.12 -29.26 12.53
C GLN A 276 4.05 -27.79 12.91
N ILE A 277 3.14 -27.45 13.81
CA ILE A 277 2.95 -26.05 14.18
C ILE A 277 4.22 -25.53 14.84
N PRO A 278 4.67 -24.30 14.51
CA PRO A 278 5.91 -23.77 15.12
C PRO A 278 5.64 -22.93 16.37
N LYS A 279 5.00 -23.54 17.36
CA LYS A 279 4.68 -22.81 18.59
C LYS A 279 5.94 -22.34 19.30
N ALA A 280 7.03 -23.10 19.21
CA ALA A 280 8.25 -22.77 19.93
C ALA A 280 9.01 -21.62 19.28
N ASP A 281 8.88 -21.45 17.96
CA ASP A 281 9.57 -20.37 17.28
C ASP A 281 8.95 -19.01 17.60
N PHE A 282 7.72 -18.98 18.13
CA PHE A 282 7.02 -17.74 18.40
C PHE A 282 6.78 -17.50 19.89
N VAL A 283 7.51 -18.22 20.74
CA VAL A 283 7.49 -17.89 22.18
C VAL A 283 7.95 -16.45 22.36
N PRO A 284 7.32 -15.64 23.23
CA PRO A 284 6.23 -15.94 24.16
C PRO A 284 4.84 -15.60 23.64
N LEU A 285 4.61 -15.58 22.34
CA LEU A 285 3.27 -15.29 21.84
C LEU A 285 2.37 -16.50 22.07
N PRO A 286 1.15 -16.28 22.56
CA PRO A 286 0.19 -17.40 22.56
C PRO A 286 -0.05 -17.86 21.12
N PHE A 287 0.06 -19.16 20.91
CA PHE A 287 -0.10 -19.76 19.59
C PHE A 287 -1.35 -20.62 19.55
N ALA A 288 -2.03 -20.59 18.41
CA ALA A 288 -3.17 -21.48 18.18
C ALA A 288 -3.27 -21.76 16.68
N SER A 289 -3.79 -22.94 16.36
CA SER A 289 -4.02 -23.34 14.98
C SER A 289 -5.51 -23.19 14.64
N ALA A 290 -5.79 -23.15 13.34
CA ALA A 290 -7.15 -23.00 12.86
C ALA A 290 -7.33 -23.86 11.61
N SER A 291 -8.46 -24.56 11.55
CA SER A 291 -8.79 -25.44 10.43
C SER A 291 -10.07 -24.89 9.78
N VAL A 292 -9.90 -24.25 8.63
CA VAL A 292 -11.03 -23.65 7.92
C VAL A 292 -11.21 -24.38 6.60
N PRO A 293 -11.82 -25.57 6.60
CA PRO A 293 -12.10 -26.25 5.33
C PRO A 293 -13.05 -25.43 4.48
N PHE A 294 -12.85 -25.50 3.17
CA PHE A 294 -13.73 -24.83 2.23
C PHE A 294 -14.00 -25.73 1.04
N THR A 295 -15.17 -25.57 0.46
CA THR A 295 -15.55 -26.24 -0.78
C THR A 295 -16.13 -25.20 -1.73
N ILE A 296 -16.15 -25.54 -3.02
CA ILE A 296 -16.62 -24.60 -4.03
C ILE A 296 -18.03 -24.12 -3.72
N THR A 297 -18.87 -25.02 -3.17
CA THR A 297 -20.22 -24.61 -2.81
C THR A 297 -20.22 -23.50 -1.77
N GLY A 298 -19.18 -23.43 -0.94
CA GLY A 298 -19.06 -22.38 0.04
C GLY A 298 -18.42 -22.90 1.32
N LEU A 299 -18.71 -22.20 2.43
CA LEU A 299 -18.18 -22.54 3.73
C LEU A 299 -19.32 -22.80 4.71
N ASP A 300 -19.12 -23.78 5.58
CA ASP A 300 -20.08 -24.12 6.63
C ASP A 300 -19.54 -23.56 7.94
N TRP A 301 -19.92 -22.31 8.24
CA TRP A 301 -19.34 -21.63 9.39
C TRP A 301 -19.83 -22.21 10.70
N ASP A 302 -21.06 -22.73 10.75
CA ASP A 302 -21.52 -23.42 11.95
C ASP A 302 -20.57 -24.58 12.30
N LYS A 303 -20.18 -25.37 11.30
CA LYS A 303 -19.25 -26.46 11.53
C LYS A 303 -17.88 -25.93 11.94
N ILE A 304 -17.37 -24.92 11.20
CA ILE A 304 -16.03 -24.42 11.46
C ILE A 304 -15.91 -23.86 12.87
N LEU A 305 -16.94 -23.12 13.32
CA LEU A 305 -16.87 -22.45 14.60
C LEU A 305 -17.14 -23.39 15.78
N LEU A 306 -17.83 -24.49 15.56
CA LEU A 306 -18.04 -25.49 16.60
C LEU A 306 -16.94 -26.55 16.62
N ASP A 307 -16.10 -26.60 15.58
CA ASP A 307 -15.02 -27.57 15.54
C ASP A 307 -14.11 -27.42 16.75
N GLN A 308 -13.89 -28.54 17.46
CA GLN A 308 -13.01 -28.50 18.62
C GLN A 308 -11.57 -28.17 18.25
N ALA A 309 -11.18 -28.38 16.99
CA ALA A 309 -9.84 -27.98 16.56
C ALA A 309 -9.68 -26.46 16.58
N ASN A 310 -10.78 -25.72 16.57
CA ASN A 310 -10.74 -24.26 16.58
C ASN A 310 -11.10 -23.67 17.93
N SER A 311 -11.21 -24.50 18.97
CA SER A 311 -11.52 -23.96 20.28
C SER A 311 -10.41 -23.05 20.80
N SER A 312 -9.15 -23.40 20.54
CA SER A 312 -8.04 -22.61 21.08
C SER A 312 -7.98 -21.23 20.42
N ILE A 313 -8.13 -21.17 19.10
CA ILE A 313 -8.09 -19.87 18.42
C ILE A 313 -9.26 -18.99 18.88
N ARG A 314 -10.43 -19.59 19.08
CA ARG A 314 -11.58 -18.81 19.54
C ARG A 314 -11.35 -18.29 20.96
N GLU A 315 -10.71 -19.10 21.81
CA GLU A 315 -10.43 -18.64 23.17
C GLU A 315 -9.42 -17.50 23.16
N LEU A 316 -8.38 -17.61 22.34
CA LEU A 316 -7.37 -16.55 22.28
C LEU A 316 -7.99 -15.25 21.76
N LEU A 317 -8.90 -15.35 20.78
CA LEU A 317 -9.57 -14.15 20.30
C LEU A 317 -10.45 -13.54 21.38
N SER A 318 -11.06 -14.36 22.21
CA SER A 318 -11.97 -13.87 23.24
C SER A 318 -11.23 -13.35 24.47
N GLU A 319 -10.07 -13.94 24.79
CA GLU A 319 -9.30 -13.42 25.91
C GLU A 319 -8.77 -12.02 25.63
N THR A 320 -8.33 -11.78 24.39
CA THR A 320 -7.71 -10.50 24.06
C THR A 320 -8.71 -9.36 24.12
N VAL A 321 -9.94 -9.59 23.65
CA VAL A 321 -10.96 -8.55 23.71
C VAL A 321 -11.40 -8.35 25.16
N LEU A 327 3.79 -9.24 24.31
CA LEU A 327 4.81 -8.42 24.93
C LEU A 327 4.54 -6.94 24.69
N THR A 328 4.01 -6.25 25.70
CA THR A 328 3.77 -4.82 25.58
C THR A 328 5.05 -4.00 25.77
N GLN A 329 6.05 -4.54 26.46
CA GLN A 329 7.32 -3.85 26.69
C GLN A 329 8.37 -4.48 25.78
N THR A 330 8.80 -3.72 24.78
CA THR A 330 9.84 -4.14 23.85
C THR A 330 11.18 -3.48 24.11
N VAL A 331 11.23 -2.49 25.00
CA VAL A 331 12.46 -1.79 25.36
C VAL A 331 12.62 -1.88 26.86
N MET A 332 13.79 -2.34 27.31
CA MET A 332 14.09 -2.47 28.73
C MET A 332 15.39 -1.76 29.05
N PHE A 333 15.41 -1.04 30.16
CA PHE A 333 16.59 -0.29 30.60
C PHE A 333 17.13 -0.90 31.88
N ASP A 334 18.46 -0.95 31.98
CA ASP A 334 19.17 -1.45 33.15
C ASP A 334 20.07 -0.32 33.63
N THR A 335 19.63 0.38 34.68
CA THR A 335 20.35 1.56 35.16
C THR A 335 21.67 1.19 35.83
N ALA A 336 21.84 -0.05 36.27
CA ALA A 336 23.09 -0.47 36.89
C ALA A 336 24.15 -0.81 35.84
N LYS A 337 23.86 -1.78 34.99
CA LYS A 337 24.81 -2.22 33.97
C LYS A 337 24.82 -1.32 32.74
N LYS A 338 23.92 -0.33 32.67
CA LYS A 338 23.90 0.65 31.58
C LYS A 338 23.64 -0.03 30.24
N LEU A 339 22.49 -0.70 30.14
CA LEU A 339 22.13 -1.50 28.98
C LEU A 339 20.76 -1.11 28.47
N VAL A 340 20.57 -1.25 27.16
CA VAL A 340 19.29 -1.09 26.49
C VAL A 340 19.03 -2.40 25.76
N THR A 341 18.06 -3.18 26.24
CA THR A 341 17.69 -4.46 25.64
C THR A 341 16.50 -4.25 24.73
N LEU A 342 16.66 -4.59 23.45
CA LEU A 342 15.64 -4.36 22.43
C LEU A 342 15.16 -5.71 21.91
N PHE A 343 13.93 -6.06 22.25
CA PHE A 343 13.30 -7.23 21.63
C PHE A 343 13.14 -6.97 20.14
N MET A 344 13.82 -7.77 19.32
CA MET A 344 13.89 -7.55 17.88
C MET A 344 13.72 -8.89 17.16
N PRO A 345 12.55 -9.51 17.29
CA PRO A 345 12.31 -10.76 16.57
C PRO A 345 12.31 -10.54 15.07
N GLY A 346 12.74 -11.58 14.34
CA GLY A 346 12.74 -11.55 12.90
C GLY A 346 13.86 -10.76 12.27
N PHE A 347 14.72 -10.13 13.06
CA PHE A 347 15.86 -9.39 12.55
C PHE A 347 17.15 -10.09 12.89
N GLU A 348 18.14 -9.95 12.02
CA GLU A 348 19.50 -10.35 12.30
C GLU A 348 20.31 -9.12 12.69
N LYS A 349 21.36 -9.33 13.49
CA LYS A 349 22.16 -8.21 13.97
C LYS A 349 22.57 -7.28 12.82
N SER A 350 22.82 -7.84 11.64
CA SER A 350 23.26 -7.02 10.51
C SER A 350 22.13 -6.17 9.94
N GLU A 351 20.87 -6.54 10.18
CA GLU A 351 19.72 -5.79 9.68
C GLU A 351 19.24 -4.71 10.64
N ILE A 352 19.90 -4.55 11.78
CA ILE A 352 19.54 -3.55 12.78
C ILE A 352 20.66 -2.53 12.85
N LYS A 353 20.35 -1.26 12.56
CA LYS A 353 21.30 -0.17 12.64
C LYS A 353 20.92 0.73 13.80
N LEU A 354 21.93 1.19 14.54
CA LEU A 354 21.74 2.07 15.69
C LEU A 354 22.47 3.38 15.44
N TYR A 355 21.73 4.48 15.45
CA TYR A 355 22.31 5.80 15.21
C TYR A 355 21.99 6.73 16.37
N GLN A 356 22.82 7.76 16.50
CA GLN A 356 22.69 8.74 17.58
C GLN A 356 22.88 10.12 16.98
N TYR A 357 21.79 10.88 16.88
CA TYR A 357 21.81 12.21 16.30
C TYR A 357 21.58 13.31 17.32
N ARG A 358 21.31 12.96 18.57
CA ARG A 358 21.06 13.91 19.65
C ARG A 358 22.07 13.72 20.77
N GLY A 359 23.33 13.47 20.40
CA GLY A 359 24.35 13.21 21.41
C GLY A 359 24.15 11.84 22.02
N GLY A 360 24.15 11.77 23.35
CA GLY A 360 23.89 10.55 24.07
C GLY A 360 22.51 10.46 24.67
N SER A 361 21.62 11.40 24.34
CA SER A 361 20.29 11.44 24.94
C SER A 361 19.30 10.53 24.23
N GLU A 362 19.58 10.13 23.00
CA GLU A 362 18.63 9.36 22.21
C GLU A 362 19.33 8.23 21.49
N LEU A 363 18.54 7.23 21.13
CA LEU A 363 19.00 6.10 20.34
C LEU A 363 17.98 5.86 19.24
N LEU A 364 18.40 5.96 17.98
CA LEU A 364 17.53 5.70 16.84
C LEU A 364 17.77 4.28 16.33
N ILE A 365 16.70 3.50 16.24
CA ILE A 365 16.76 2.14 15.72
C ILE A 365 16.21 2.15 14.30
N GLU A 366 17.02 1.68 13.35
CA GLU A 366 16.62 1.58 11.96
C GLU A 366 16.61 0.10 11.58
N ALA A 367 15.43 -0.40 11.24
CA ALA A 367 15.24 -1.81 10.89
C ALA A 367 13.84 -1.96 10.29
N GLY A 368 13.73 -2.88 9.33
CA GLY A 368 12.46 -3.12 8.66
C GLY A 368 11.95 -1.95 7.87
N ASP A 369 12.85 -1.14 7.31
CA ASP A 369 12.47 0.07 6.59
C ASP A 369 11.58 0.97 7.46
N GLN A 370 11.92 1.07 8.74
CA GLN A 370 11.25 1.97 9.65
C GLN A 370 12.26 2.44 10.69
N ARG A 371 12.03 3.64 11.22
CA ARG A 371 12.88 4.22 12.25
C ARG A 371 12.08 4.33 13.55
N ARG A 372 12.75 4.12 14.67
CA ARG A 372 12.13 4.22 15.99
C ARG A 372 13.11 4.89 16.93
N VAL A 373 12.66 5.97 17.57
CA VAL A 373 13.50 6.78 18.44
C VAL A 373 13.27 6.38 19.88
N ILE A 374 14.35 6.05 20.58
CA ILE A 374 14.31 5.71 22.00
C ILE A 374 14.95 6.86 22.76
N HIS A 375 14.16 7.52 23.61
CA HIS A 375 14.70 8.54 24.49
C HIS A 375 15.34 7.86 25.69
N LEU A 376 16.63 8.10 25.90
CA LEU A 376 17.34 7.32 26.91
C LEU A 376 17.21 7.98 28.28
N PRO A 377 16.93 7.20 29.34
CA PRO A 377 16.99 7.76 30.69
C PRO A 377 18.35 8.40 30.96
N SER A 378 18.33 9.47 31.77
CA SER A 378 19.55 10.20 32.05
C SER A 378 20.67 9.27 32.51
N GLN A 379 20.34 8.26 33.31
CA GLN A 379 21.35 7.30 33.75
C GLN A 379 21.95 6.56 32.55
N ILE A 380 21.08 5.96 31.72
CA ILE A 380 21.55 5.14 30.60
C ILE A 380 22.29 5.97 29.55
N GLN A 381 22.07 7.29 29.51
CA GLN A 381 22.56 8.10 28.40
C GLN A 381 24.05 7.89 28.14
N GLY A 382 24.47 8.16 26.91
CA GLY A 382 25.85 7.92 26.50
C GLY A 382 25.90 7.57 25.03
N LYS A 383 26.99 6.91 24.64
CA LYS A 383 27.22 6.52 23.26
C LYS A 383 27.25 5.00 23.15
N VAL A 384 26.71 4.49 22.03
CA VAL A 384 26.65 3.04 21.85
C VAL A 384 28.05 2.46 21.89
N GLY A 385 28.25 1.48 22.76
CA GLY A 385 29.55 0.85 22.92
C GLY A 385 29.48 -0.66 22.91
N GLY A 386 28.70 -1.22 21.98
CA GLY A 386 28.60 -2.66 21.87
C GLY A 386 27.17 -3.14 21.79
N ALA A 387 26.92 -4.12 20.92
CA ALA A 387 25.60 -4.73 20.77
C ALA A 387 25.77 -6.24 20.64
N LYS A 388 24.89 -6.98 21.29
CA LYS A 388 24.99 -8.44 21.33
C LYS A 388 23.59 -9.03 21.22
N PHE A 389 23.35 -9.83 20.17
CA PHE A 389 22.07 -10.48 19.96
C PHE A 389 21.98 -11.72 20.85
N VAL A 390 21.01 -11.74 21.75
CA VAL A 390 20.81 -12.86 22.67
C VAL A 390 19.38 -13.33 22.51
N ASP A 391 19.22 -14.61 22.13
CA ASP A 391 17.90 -15.12 21.75
C ASP A 391 17.41 -14.25 20.59
N ARG A 392 16.46 -13.35 20.85
N ARG A 392 16.46 -13.35 20.85
CA ARG A 392 16.01 -12.38 19.84
CA ARG A 392 16.00 -12.38 19.85
C ARG A 392 16.00 -10.97 20.43
C ARG A 392 15.98 -10.98 20.44
N SER A 393 16.91 -10.70 21.34
CA SER A 393 17.02 -9.41 22.00
C SER A 393 18.40 -8.83 21.75
N LEU A 394 18.45 -7.57 21.35
CA LEU A 394 19.71 -6.87 21.15
C LEU A 394 20.05 -6.10 22.42
N ILE A 395 21.16 -6.45 23.05
CA ILE A 395 21.62 -5.81 24.28
C ILE A 395 22.65 -4.77 23.89
N VAL A 396 22.30 -3.49 24.07
CA VAL A 396 23.15 -2.39 23.65
C VAL A 396 23.81 -1.81 24.89
N THR A 397 25.13 -1.91 24.97
CA THR A 397 25.87 -1.33 26.08
C THR A 397 26.14 0.14 25.79
N MET A 398 25.75 1.00 26.74
CA MET A 398 25.90 2.44 26.61
C MET A 398 27.14 2.87 27.38
N ARG A 399 28.09 3.49 26.69
CA ARG A 399 29.33 3.95 27.31
C ARG A 399 29.23 5.43 27.62
N LEU A 400 29.66 5.80 28.81
CA LEU A 400 29.61 7.20 29.25
C LEU A 400 30.86 7.94 28.82
N THR B 2 14.25 1.53 -22.00
CA THR B 2 13.98 0.71 -20.82
C THR B 2 12.51 0.33 -20.75
N LYS B 3 12.25 -0.95 -20.55
CA LYS B 3 10.89 -1.48 -20.42
C LYS B 3 10.60 -1.84 -18.97
N PHE B 4 9.31 -1.92 -18.64
CA PHE B 4 8.84 -2.12 -17.27
C PHE B 4 7.92 -3.32 -17.23
N VAL B 5 8.18 -4.23 -16.30
CA VAL B 5 7.42 -5.48 -16.16
C VAL B 5 6.98 -5.65 -14.72
N THR B 6 5.73 -6.06 -14.51
CA THR B 6 5.21 -6.27 -13.18
C THR B 6 4.15 -7.35 -13.21
N PHE B 7 3.87 -7.91 -12.03
CA PHE B 7 3.00 -9.06 -11.90
C PHE B 7 1.87 -8.74 -10.94
N LEU B 8 0.67 -9.18 -11.29
CA LEU B 8 -0.56 -8.80 -10.61
C LEU B 8 -1.33 -10.04 -10.21
N GLY B 9 -1.74 -10.11 -8.95
CA GLY B 9 -2.49 -11.25 -8.48
C GLY B 9 -2.67 -11.19 -6.98
N LYS B 10 -3.51 -12.12 -6.50
CA LYS B 10 -3.80 -12.21 -5.08
C LYS B 10 -2.54 -12.55 -4.29
N GLY B 11 -2.60 -12.28 -2.99
CA GLY B 11 -1.54 -12.74 -2.11
C GLY B 11 -1.38 -14.25 -2.23
N GLY B 12 -0.12 -14.69 -2.31
CA GLY B 12 0.20 -16.10 -2.46
C GLY B 12 0.02 -16.64 -3.85
N SER B 13 -0.22 -15.78 -4.84
CA SER B 13 -0.49 -16.23 -6.20
C SER B 13 0.78 -16.43 -7.02
N GLY B 14 1.94 -16.09 -6.48
CA GLY B 14 3.20 -16.29 -7.14
C GLY B 14 3.86 -15.05 -7.73
N LYS B 15 3.42 -13.86 -7.34
CA LYS B 15 4.00 -12.63 -7.88
C LYS B 15 5.51 -12.60 -7.69
N THR B 16 5.96 -12.77 -6.44
CA THR B 16 7.39 -12.69 -6.15
C THR B 16 8.14 -13.82 -6.84
N THR B 17 7.60 -15.03 -6.82
CA THR B 17 8.22 -16.12 -7.54
C THR B 17 8.35 -15.78 -9.03
N ALA B 18 7.28 -15.23 -9.62
CA ALA B 18 7.31 -14.92 -11.04
C ALA B 18 8.30 -13.78 -11.33
N ALA B 19 8.39 -12.80 -10.44
CA ALA B 19 9.29 -11.67 -10.66
C ALA B 19 10.75 -12.12 -10.70
N VAL B 20 11.15 -12.99 -9.77
CA VAL B 20 12.52 -13.48 -9.75
C VAL B 20 12.78 -14.37 -10.96
N PHE B 21 11.84 -15.27 -11.26
CA PHE B 21 11.97 -16.10 -12.46
C PHE B 21 12.16 -15.23 -13.69
N ALA B 22 11.35 -14.18 -13.82
CA ALA B 22 11.47 -13.31 -14.99
C ALA B 22 12.81 -12.60 -15.02
N ALA B 23 13.29 -12.14 -13.87
CA ALA B 23 14.57 -11.45 -13.83
C ALA B 23 15.70 -12.38 -14.23
N GLN B 24 15.67 -13.63 -13.74
CA GLN B 24 16.71 -14.58 -14.12
C GLN B 24 16.66 -14.88 -15.60
N HIS B 25 15.45 -15.01 -16.16
CA HIS B 25 15.30 -15.34 -17.58
C HIS B 25 15.81 -14.22 -18.47
N TYR B 26 15.44 -12.98 -18.18
CA TYR B 26 15.87 -11.86 -19.02
C TYR B 26 17.38 -11.65 -18.93
N ALA B 27 17.95 -11.81 -17.74
CA ALA B 27 19.39 -11.65 -17.57
C ALA B 27 20.14 -12.75 -18.33
N LEU B 28 19.70 -14.00 -18.17
CA LEU B 28 20.30 -15.08 -18.94
C LEU B 28 20.20 -14.85 -20.44
N ALA B 29 19.14 -14.16 -20.88
CA ALA B 29 18.92 -13.91 -22.30
C ALA B 29 19.73 -12.73 -22.84
N GLY B 30 20.54 -12.07 -22.00
CA GLY B 30 21.39 -10.99 -22.45
C GLY B 30 20.89 -9.60 -22.13
N LEU B 31 19.77 -9.48 -21.43
CA LEU B 31 19.22 -8.16 -21.11
C LEU B 31 19.74 -7.69 -19.76
N SER B 32 20.21 -6.45 -19.72
CA SER B 32 20.55 -5.82 -18.44
C SER B 32 19.26 -5.61 -17.66
N THR B 33 19.15 -6.27 -16.52
CA THR B 33 17.88 -6.40 -15.81
C THR B 33 18.02 -5.89 -14.38
N CYS B 34 17.03 -5.13 -13.93
CA CYS B 34 16.94 -4.66 -12.56
C CYS B 34 15.68 -5.21 -11.93
N LEU B 35 15.84 -6.01 -10.88
CA LEU B 35 14.73 -6.48 -10.08
C LEU B 35 14.57 -5.55 -8.88
N VAL B 36 13.40 -4.93 -8.76
CA VAL B 36 13.12 -3.94 -7.73
C VAL B 36 12.10 -4.53 -6.77
N ILE B 37 12.49 -4.64 -5.50
CA ILE B 37 11.64 -5.13 -4.42
C ILE B 37 11.34 -3.97 -3.49
N HIS B 38 10.06 -3.71 -3.23
CA HIS B 38 9.65 -2.71 -2.24
C HIS B 38 8.63 -3.36 -1.31
N ASN B 39 9.14 -4.11 -0.35
CA ASN B 39 8.34 -4.75 0.69
C ASN B 39 9.33 -5.39 1.67
N GLN B 40 8.78 -6.05 2.69
CA GLN B 40 9.59 -6.72 3.70
C GLN B 40 9.42 -8.24 3.65
N ASP B 41 8.88 -8.75 2.56
CA ASP B 41 8.72 -10.19 2.37
C ASP B 41 10.08 -10.82 2.15
N PRO B 42 10.48 -11.83 2.95
CA PRO B 42 11.78 -12.47 2.74
C PRO B 42 11.80 -13.51 1.62
N SER B 43 10.69 -13.72 0.91
CA SER B 43 10.66 -14.75 -0.12
C SER B 43 11.70 -14.49 -1.21
N ALA B 44 11.84 -13.22 -1.62
CA ALA B 44 12.77 -12.90 -2.70
C ALA B 44 14.20 -13.26 -2.34
N GLU B 45 14.60 -12.97 -1.11
CA GLU B 45 15.96 -13.30 -0.67
C GLU B 45 16.20 -14.80 -0.70
N PHE B 46 15.18 -15.59 -0.34
CA PHE B 46 15.31 -17.04 -0.45
C PHE B 46 15.40 -17.48 -1.91
N LEU B 47 14.50 -16.96 -2.74
CA LEU B 47 14.51 -17.35 -4.16
C LEU B 47 15.83 -16.99 -4.83
N LEU B 48 16.39 -15.83 -4.49
CA LEU B 48 17.62 -15.38 -5.11
C LEU B 48 18.86 -15.99 -4.49
N GLY B 49 18.74 -16.59 -3.31
CA GLY B 49 19.90 -17.13 -2.63
C GLY B 49 20.85 -16.08 -2.10
N SER B 50 20.37 -14.87 -1.87
CA SER B 50 21.23 -13.81 -1.37
C SER B 50 20.39 -12.79 -0.63
N LYS B 51 21.02 -12.12 0.33
CA LYS B 51 20.40 -10.98 0.98
C LYS B 51 20.52 -9.77 0.07
N ILE B 52 19.45 -9.01 -0.03
CA ILE B 52 19.38 -7.84 -0.89
C ILE B 52 19.20 -6.62 -0.02
N GLY B 53 19.73 -5.49 -0.49
CA GLY B 53 19.65 -4.26 0.27
C GLY B 53 19.43 -3.05 -0.60
N THR B 54 19.60 -1.85 -0.01
CA THR B 54 19.44 -0.62 -0.75
C THR B 54 20.51 -0.47 -1.83
N SER B 55 21.70 -1.02 -1.60
CA SER B 55 22.73 -1.03 -2.63
C SER B 55 22.53 -2.22 -3.56
N PRO B 56 22.79 -2.07 -4.85
CA PRO B 56 22.50 -3.16 -5.80
C PRO B 56 23.31 -4.41 -5.49
N THR B 57 22.66 -5.56 -5.64
CA THR B 57 23.31 -6.86 -5.57
C THR B 57 23.31 -7.46 -6.96
N LEU B 58 24.49 -7.76 -7.48
CA LEU B 58 24.64 -8.32 -8.83
C LEU B 58 24.70 -9.84 -8.69
N ILE B 59 23.58 -10.49 -9.01
CA ILE B 59 23.57 -11.95 -9.05
C ILE B 59 24.52 -12.45 -10.14
N ASN B 60 24.38 -11.91 -11.34
CA ASN B 60 25.37 -12.08 -12.39
C ASN B 60 25.56 -10.72 -13.05
N ASP B 61 26.34 -10.70 -14.13
CA ASP B 61 26.66 -9.43 -14.77
C ASP B 61 25.46 -8.76 -15.42
N ASN B 62 24.32 -9.45 -15.55
CA ASN B 62 23.14 -8.88 -16.16
C ASN B 62 21.96 -8.75 -15.20
N LEU B 63 22.04 -9.34 -14.01
CA LEU B 63 20.93 -9.36 -13.06
C LEU B 63 21.33 -8.53 -11.85
N SER B 64 20.76 -7.34 -11.74
CA SER B 64 20.94 -6.45 -10.60
C SER B 64 19.65 -6.43 -9.80
N VAL B 65 19.76 -6.60 -8.48
CA VAL B 65 18.61 -6.63 -7.59
C VAL B 65 18.79 -5.55 -6.53
N ILE B 66 17.73 -4.79 -6.28
CA ILE B 66 17.74 -3.75 -5.26
C ILE B 66 16.45 -3.83 -4.46
N ARG B 67 16.56 -3.53 -3.16
CA ARG B 67 15.40 -3.35 -2.30
C ARG B 67 15.25 -1.86 -2.03
N LEU B 68 14.07 -1.33 -2.35
CA LEU B 68 13.78 0.06 -2.02
C LEU B 68 13.45 0.16 -0.54
N GLU B 69 13.97 1.21 0.10
CA GLU B 69 13.71 1.49 1.50
C GLU B 69 13.29 2.95 1.60
N THR B 70 12.06 3.19 2.01
CA THR B 70 11.53 4.55 2.05
C THR B 70 12.27 5.40 3.07
N THR B 71 12.78 4.79 4.14
CA THR B 71 13.59 5.53 5.10
C THR B 71 14.76 6.22 4.41
N LYS B 72 15.35 5.56 3.41
CA LYS B 72 16.47 6.13 2.66
C LYS B 72 15.99 7.00 1.50
N MET B 73 14.87 6.65 0.88
CA MET B 73 14.40 7.37 -0.30
C MET B 73 13.96 8.79 0.04
N LEU B 74 13.35 8.99 1.20
CA LEU B 74 12.87 10.31 1.58
C LEU B 74 14.01 11.28 1.89
N LEU B 75 15.24 10.80 2.06
CA LEU B 75 16.33 11.69 2.43
C LEU B 75 16.73 12.60 1.28
N GLU B 76 16.78 12.07 0.06
CA GLU B 76 17.23 12.86 -1.08
C GLU B 76 16.36 14.09 -1.31
N PRO B 77 15.03 13.97 -1.34
CA PRO B 77 14.22 15.20 -1.50
C PRO B 77 14.46 16.23 -0.43
N LEU B 78 14.68 15.80 0.82
CA LEU B 78 14.96 16.76 1.88
C LEU B 78 16.28 17.46 1.63
N LYS B 79 17.30 16.72 1.18
CA LYS B 79 18.59 17.34 0.87
C LYS B 79 18.42 18.42 -0.20
N GLN B 80 17.63 18.15 -1.24
CA GLN B 80 17.40 19.16 -2.26
C GLN B 80 16.63 20.35 -1.71
N LEU B 81 15.61 20.09 -0.88
CA LEU B 81 14.88 21.19 -0.26
C LEU B 81 15.78 22.01 0.63
N LYS B 82 16.65 21.35 1.41
CA LYS B 82 17.60 22.07 2.25
C LYS B 82 18.52 22.94 1.39
N GLN B 83 18.90 22.45 0.21
CA GLN B 83 19.74 23.25 -0.68
C GLN B 83 19.00 24.49 -1.16
N ALA B 84 17.72 24.35 -1.50
CA ALA B 84 16.96 25.49 -1.98
C ALA B 84 16.78 26.54 -0.90
N ASP B 85 16.46 26.12 0.33
CA ASP B 85 16.26 27.08 1.41
C ASP B 85 17.54 27.84 1.73
N ALA B 86 18.70 27.22 1.48
CA ALA B 86 19.96 27.91 1.70
C ALA B 86 20.21 29.00 0.65
N ARG B 87 19.52 28.92 -0.49
CA ARG B 87 19.62 29.96 -1.51
C ARG B 87 18.51 31.00 -1.39
N LEU B 88 17.33 30.61 -0.87
CA LEU B 88 16.19 31.50 -0.78
C LEU B 88 15.90 32.00 0.63
N ASN B 89 16.40 31.31 1.66
CA ASN B 89 16.15 31.67 3.05
C ASN B 89 14.67 31.97 3.28
N MET B 90 13.81 31.06 2.85
CA MET B 90 12.38 31.22 3.02
C MET B 90 11.90 30.72 4.38
N THR B 91 12.57 29.73 4.94
CA THR B 91 12.17 29.13 6.20
C THR B 91 12.97 29.64 7.39
N GLN B 92 13.86 30.61 7.18
CA GLN B 92 14.68 31.16 8.27
C GLN B 92 15.48 30.06 8.97
N GLY B 93 15.91 29.06 8.20
CA GLY B 93 16.73 27.99 8.73
C GLY B 93 15.99 26.82 9.35
N VAL B 94 14.65 26.83 9.32
CA VAL B 94 13.90 25.72 9.91
C VAL B 94 14.19 24.43 9.15
N LEU B 95 14.21 24.49 7.82
CA LEU B 95 14.46 23.29 7.03
C LEU B 95 15.85 22.72 7.32
N GLU B 96 16.85 23.60 7.48
CA GLU B 96 18.20 23.15 7.73
C GLU B 96 18.29 22.31 9.00
N GLY B 97 17.45 22.61 9.99
CA GLY B 97 17.44 21.87 11.23
C GLY B 97 16.66 20.57 11.20
N VAL B 98 16.13 20.19 10.05
CA VAL B 98 15.37 18.95 9.93
C VAL B 98 16.35 17.79 9.76
N VAL B 99 16.43 16.94 10.78
CA VAL B 99 17.26 15.74 10.72
C VAL B 99 16.46 14.66 9.99
N GLY B 100 16.62 14.58 8.67
CA GLY B 100 15.88 13.59 7.90
C GLY B 100 16.15 12.18 8.37
N GLU B 101 17.36 11.90 8.86
CA GLU B 101 17.73 10.57 9.30
C GLU B 101 16.93 10.11 10.51
N GLU B 102 16.11 10.97 11.09
CA GLU B 102 15.28 10.64 12.25
C GLU B 102 13.83 10.35 11.89
N LEU B 103 13.41 10.67 10.68
CA LEU B 103 11.99 10.68 10.34
C LEU B 103 11.46 9.30 10.03
N GLY B 104 10.27 8.99 10.54
CA GLY B 104 9.65 7.71 10.29
C GLY B 104 8.81 7.72 9.02
N VAL B 105 8.53 6.53 8.52
CA VAL B 105 7.75 6.38 7.29
C VAL B 105 6.27 6.41 7.67
N LEU B 106 5.53 7.33 7.05
CA LEU B 106 4.11 7.50 7.29
C LEU B 106 3.29 6.89 6.17
N PRO B 107 2.01 6.63 6.41
CA PRO B 107 1.15 6.09 5.35
C PRO B 107 1.22 6.93 4.09
N GLY B 108 1.25 6.25 2.95
CA GLY B 108 1.30 6.88 1.66
C GLY B 108 2.71 7.13 1.15
N MET B 109 3.70 7.16 2.02
CA MET B 109 5.06 7.47 1.60
C MET B 109 5.67 6.34 0.78
N ASP B 110 5.38 5.09 1.14
CA ASP B 110 5.92 3.97 0.38
C ASP B 110 5.50 4.05 -1.08
N SER B 111 4.20 4.21 -1.33
CA SER B 111 3.72 4.27 -2.71
C SER B 111 4.33 5.44 -3.46
N ILE B 112 4.38 6.62 -2.83
CA ILE B 112 4.82 7.82 -3.53
C ILE B 112 6.30 7.73 -3.87
N PHE B 113 7.13 7.33 -2.91
CA PHE B 113 8.56 7.23 -3.18
C PHE B 113 8.88 6.07 -4.11
N SER B 114 8.14 4.95 -3.98
CA SER B 114 8.30 3.87 -4.96
C SER B 114 8.06 4.39 -6.37
N MET B 115 7.02 5.21 -6.55
CA MET B 115 6.72 5.75 -7.87
C MET B 115 7.83 6.69 -8.34
N LEU B 116 8.45 7.43 -7.44
CA LEU B 116 9.51 8.36 -7.85
C LEU B 116 10.76 7.62 -8.27
N GLU B 117 11.11 6.53 -7.58
CA GLU B 117 12.30 5.78 -7.94
C GLU B 117 12.11 5.06 -9.27
N LEU B 118 10.90 4.57 -9.54
CA LEU B 118 10.64 3.89 -10.81
C LEU B 118 10.81 4.84 -11.99
N GLU B 119 10.37 6.10 -11.83
CA GLU B 119 10.56 7.09 -12.89
C GLU B 119 12.05 7.23 -13.24
N ARG B 120 12.91 7.25 -12.22
CA ARG B 120 14.34 7.38 -12.47
C ARG B 120 14.89 6.14 -13.16
N LEU B 121 14.32 4.97 -12.89
CA LEU B 121 14.82 3.71 -13.44
C LEU B 121 14.26 3.41 -14.82
N VAL B 122 12.98 3.68 -15.06
CA VAL B 122 12.34 3.39 -16.33
C VAL B 122 12.34 4.60 -17.25
N GLY B 123 12.00 5.76 -16.72
CA GLY B 123 11.97 6.97 -17.51
C GLY B 123 10.64 7.17 -18.21
N PHE B 124 9.56 7.24 -17.43
CA PHE B 124 8.23 7.40 -18.00
C PHE B 124 7.98 8.85 -18.41
N PHE B 125 8.11 9.77 -17.47
CA PHE B 125 7.85 11.18 -17.74
C PHE B 125 9.05 11.90 -18.32
N ARG B 126 10.26 11.40 -18.09
CA ARG B 126 11.46 11.94 -18.69
C ARG B 126 12.42 10.77 -18.94
N GLN B 127 13.59 11.08 -19.48
CA GLN B 127 14.59 10.04 -19.71
C GLN B 127 15.08 9.49 -18.38
N ALA B 128 15.27 8.16 -18.33
CA ALA B 128 15.74 7.52 -17.12
C ALA B 128 17.09 8.09 -16.70
N THR B 129 17.26 8.28 -15.39
CA THR B 129 18.50 8.81 -14.83
C THR B 129 19.32 7.79 -14.07
N ARG B 130 18.70 6.72 -13.56
CA ARG B 130 19.40 5.69 -12.80
C ARG B 130 19.96 4.67 -13.79
N LYS B 131 21.29 4.58 -13.88
CA LYS B 131 21.96 3.73 -14.84
C LYS B 131 22.42 2.43 -14.19
N ASN B 132 22.68 1.43 -15.03
CA ASN B 132 23.18 0.15 -14.54
C ASN B 132 24.68 0.28 -14.25
N HIS B 133 25.28 -0.81 -13.76
CA HIS B 133 26.67 -0.77 -13.31
C HIS B 133 27.66 -0.56 -14.45
N LYS B 134 27.20 -0.56 -15.70
CA LYS B 134 28.05 -0.24 -16.85
C LYS B 134 27.76 1.15 -17.41
N GLY B 135 27.17 2.02 -16.60
CA GLY B 135 26.89 3.39 -17.01
C GLY B 135 25.76 3.57 -18.00
N LYS B 136 25.15 2.49 -18.46
CA LYS B 136 24.05 2.54 -19.43
C LYS B 136 22.72 2.30 -18.73
N PRO B 137 21.61 2.65 -19.38
CA PRO B 137 20.30 2.37 -18.78
C PRO B 137 19.94 0.90 -18.89
N PHE B 138 19.17 0.43 -17.91
CA PHE B 138 18.75 -0.96 -17.90
C PHE B 138 17.86 -1.25 -19.11
N ASP B 139 17.87 -2.51 -19.54
CA ASP B 139 16.96 -2.93 -20.60
C ASP B 139 15.58 -3.26 -20.04
N VAL B 140 15.52 -3.88 -18.86
CA VAL B 140 14.27 -4.32 -18.28
C VAL B 140 14.27 -4.00 -16.79
N ILE B 141 13.14 -3.50 -16.30
CA ILE B 141 12.93 -3.24 -14.89
C ILE B 141 11.75 -4.12 -14.48
N ILE B 142 12.00 -5.12 -13.62
CA ILE B 142 10.97 -5.95 -13.05
C ILE B 142 10.67 -5.44 -11.64
N TYR B 143 9.40 -5.18 -11.36
CA TYR B 143 8.99 -4.51 -10.13
C TYR B 143 8.09 -5.43 -9.33
N ASP B 144 8.51 -5.74 -8.10
CA ASP B 144 7.71 -6.52 -7.15
C ASP B 144 7.40 -5.58 -5.98
N GLY B 145 6.22 -4.97 -6.01
CA GLY B 145 5.91 -3.82 -5.20
C GLY B 145 5.12 -4.13 -3.94
N ILE B 146 4.44 -3.09 -3.44
CA ILE B 146 3.72 -3.19 -2.17
C ILE B 146 2.54 -4.13 -2.30
N SER B 147 1.71 -3.92 -3.32
CA SER B 147 0.51 -4.70 -3.49
C SER B 147 0.02 -4.50 -4.92
N THR B 148 -0.82 -5.43 -5.37
CA THR B 148 -1.38 -5.29 -6.71
C THR B 148 -2.17 -3.99 -6.82
N GLU B 149 -3.01 -3.70 -5.83
CA GLU B 149 -3.86 -2.51 -5.91
C GLU B 149 -3.04 -1.23 -5.97
N GLU B 150 -1.93 -1.16 -5.24
CA GLU B 150 -1.11 0.04 -5.25
C GLU B 150 -0.34 0.15 -6.55
N THR B 151 0.21 -0.96 -7.04
CA THR B 151 0.86 -0.96 -8.35
C THR B 151 -0.09 -0.44 -9.43
N LEU B 152 -1.38 -0.71 -9.28
CA LEU B 152 -2.33 -0.27 -10.29
C LEU B 152 -2.58 1.24 -10.21
N ARG B 153 -2.50 1.82 -9.02
CA ARG B 153 -2.59 3.28 -8.92
C ARG B 153 -1.46 3.95 -9.69
N MET B 154 -0.30 3.32 -9.76
CA MET B 154 0.84 3.89 -10.48
C MET B 154 0.69 3.72 -11.99
N ILE B 155 0.20 2.56 -12.43
CA ILE B 155 0.08 2.29 -13.85
C ILE B 155 -0.83 3.32 -14.52
N GLY B 156 -1.96 3.61 -13.89
CA GLY B 156 -2.89 4.57 -14.44
C GLY B 156 -2.70 5.98 -13.91
N LEU B 157 -1.55 6.23 -13.29
CA LEU B 157 -1.32 7.53 -12.66
C LEU B 157 -1.34 8.66 -13.69
N SER B 158 -0.64 8.48 -14.81
CA SER B 158 -0.38 9.58 -15.72
C SER B 158 -1.67 10.22 -16.20
N SER B 159 -2.68 9.42 -16.53
CA SER B 159 -3.90 9.96 -17.13
C SER B 159 -4.66 10.86 -16.18
N LYS B 160 -4.64 10.55 -14.88
CA LYS B 160 -5.55 11.15 -13.92
C LYS B 160 -4.95 12.34 -13.18
N THR B 161 -3.71 12.71 -13.50
CA THR B 161 -3.08 13.85 -12.83
C THR B 161 -3.61 15.18 -13.34
N ARG B 162 -3.99 15.24 -14.63
CA ARG B 162 -4.39 16.49 -15.24
C ARG B 162 -5.43 17.22 -14.41
N LEU B 163 -6.55 16.55 -14.12
CA LEU B 163 -7.64 17.23 -13.42
C LEU B 163 -7.18 17.74 -12.05
N TYR B 164 -6.33 16.97 -11.37
CA TYR B 164 -5.79 17.45 -10.10
C TYR B 164 -4.97 18.71 -10.29
N ALA B 165 -4.09 18.71 -11.30
CA ALA B 165 -3.23 19.86 -11.53
C ALA B 165 -4.04 21.11 -11.87
N LYS B 166 -5.13 20.95 -12.62
CA LYS B 166 -5.94 22.09 -13.01
C LYS B 166 -6.65 22.69 -11.80
N TYR B 167 -7.26 21.83 -10.96
CA TYR B 167 -7.88 22.33 -9.74
C TYR B 167 -6.86 23.01 -8.85
N LEU B 168 -5.63 22.49 -8.79
CA LEU B 168 -4.60 23.10 -7.96
C LEU B 168 -4.17 24.45 -8.53
N ARG B 169 -4.02 24.53 -9.85
CA ARG B 169 -3.71 25.82 -10.48
C ARG B 169 -4.80 26.84 -10.18
N SER B 170 -6.07 26.40 -10.19
CA SER B 170 -7.16 27.30 -9.91
C SER B 170 -7.08 27.84 -8.48
N LEU B 171 -6.81 26.95 -7.51
CA LEU B 171 -6.68 27.39 -6.13
C LEU B 171 -5.48 28.30 -5.95
N ALA B 172 -4.45 28.15 -6.78
CA ALA B 172 -3.27 28.99 -6.67
C ALA B 172 -3.49 30.38 -7.25
N GLU B 173 -4.14 30.46 -8.41
CA GLU B 173 -4.24 31.70 -9.17
C GLU B 173 -5.56 32.43 -8.96
N LYS B 174 -6.51 31.86 -8.23
CA LYS B 174 -7.84 32.44 -8.10
C LYS B 174 -8.33 32.45 -6.66
N THR B 175 -7.40 32.51 -5.70
CA THR B 175 -7.75 32.61 -4.29
C THR B 175 -6.76 33.52 -3.59
N ASP B 176 -7.24 34.24 -2.57
CA ASP B 176 -6.40 35.15 -1.80
C ASP B 176 -5.17 34.42 -1.27
N LEU B 177 -5.38 33.51 -0.31
CA LEU B 177 -4.27 32.74 0.24
C LEU B 177 -3.46 32.06 -0.86
N GLY B 178 -4.10 31.70 -1.96
CA GLY B 178 -3.41 31.09 -3.08
C GLY B 178 -2.42 32.03 -3.74
N ARG B 179 -2.91 33.19 -4.20
CA ARG B 179 -2.02 34.17 -4.80
C ARG B 179 -0.93 34.63 -3.83
N LEU B 180 -1.13 34.38 -2.54
CA LEU B 180 -0.13 34.74 -1.53
C LEU B 180 0.97 33.67 -1.43
N THR B 181 0.56 32.40 -1.34
CA THR B 181 1.53 31.33 -1.15
C THR B 181 2.16 30.87 -2.47
N SER B 182 1.33 30.58 -3.46
CA SER B 182 1.78 30.04 -4.74
C SER B 182 3.05 30.70 -5.29
N PRO B 183 3.19 32.04 -5.26
CA PRO B 183 4.43 32.64 -5.77
C PRO B 183 5.70 32.03 -5.19
N SER B 184 5.81 32.05 -3.85
CA SER B 184 7.03 31.57 -3.21
C SER B 184 7.19 30.06 -3.38
N ILE B 185 6.10 29.30 -3.20
CA ILE B 185 6.17 27.86 -3.38
C ILE B 185 6.73 27.51 -4.76
N MET B 186 6.18 28.16 -5.80
CA MET B 186 6.66 27.90 -7.16
C MET B 186 8.13 28.24 -7.30
N ARG B 187 8.61 29.26 -6.60
CA ARG B 187 10.03 29.60 -6.63
C ARG B 187 10.87 28.56 -5.91
N PHE B 188 10.33 27.97 -4.83
CA PHE B 188 11.09 26.99 -4.06
C PHE B 188 11.15 25.64 -4.75
N VAL B 189 10.02 25.17 -5.30
CA VAL B 189 10.03 23.90 -6.02
C VAL B 189 10.95 23.98 -7.24
N ASP B 190 11.03 25.16 -7.86
CA ASP B 190 11.93 25.34 -9.00
C ASP B 190 13.38 25.17 -8.58
N GLU B 191 13.80 25.88 -7.53
CA GLU B 191 15.17 25.76 -7.07
C GLU B 191 15.49 24.34 -6.61
N SER B 192 14.58 23.72 -5.86
CA SER B 192 14.83 22.40 -5.33
C SER B 192 14.99 21.36 -6.42
N MET B 193 14.29 21.53 -7.54
CA MET B 193 14.31 20.54 -8.61
C MET B 193 15.55 20.68 -9.48
N ASN B 194 15.97 21.91 -9.78
CA ASN B 194 17.08 22.17 -10.67
C ASN B 194 18.35 22.44 -9.87
N ILE B 195 19.46 22.61 -10.60
CA ILE B 195 20.75 22.88 -9.98
C ILE B 195 21.33 24.18 -10.53
N THR B 206 8.55 32.73 -14.72
CA THR B 206 7.40 33.30 -14.02
C THR B 206 6.44 32.20 -13.58
N SER B 207 5.55 32.53 -12.61
CA SER B 207 4.69 31.50 -12.05
C SER B 207 3.63 31.04 -13.03
N PRO B 208 2.76 31.94 -13.57
CA PRO B 208 1.84 31.50 -14.63
C PRO B 208 2.47 30.60 -15.68
N ALA B 209 3.73 30.83 -16.02
CA ALA B 209 4.41 30.00 -17.01
C ALA B 209 4.85 28.67 -16.42
N MET B 210 5.21 28.63 -15.12
CA MET B 210 5.58 27.38 -14.50
C MET B 210 4.42 26.39 -14.50
N TRP B 211 3.18 26.89 -14.45
CA TRP B 211 2.03 26.00 -14.42
C TRP B 211 1.78 25.34 -15.78
N ASP B 212 2.10 26.04 -16.88
CA ASP B 212 1.86 25.48 -18.20
C ASP B 212 2.84 24.35 -18.50
N THR B 213 4.14 24.58 -18.25
CA THR B 213 5.12 23.53 -18.45
C THR B 213 4.78 22.29 -17.63
N LEU B 214 4.31 22.48 -16.40
CA LEU B 214 3.92 21.36 -15.57
C LEU B 214 2.83 20.53 -16.26
N GLU B 215 1.80 21.19 -16.79
CA GLU B 215 0.72 20.46 -17.44
C GLU B 215 1.22 19.67 -18.64
N ARG B 216 2.12 20.25 -19.42
CA ARG B 216 2.69 19.51 -20.55
C ARG B 216 3.52 18.33 -20.08
N PHE B 217 4.32 18.53 -19.03
CA PHE B 217 5.11 17.43 -18.47
C PHE B 217 4.21 16.29 -18.01
N LEU B 218 3.01 16.60 -17.53
CA LEU B 218 2.06 15.55 -17.17
C LEU B 218 1.55 14.81 -18.40
N GLU B 219 1.27 15.55 -19.48
CA GLU B 219 0.76 14.91 -20.69
C GLU B 219 1.79 13.95 -21.28
N THR B 220 3.07 14.30 -21.20
CA THR B 220 4.11 13.43 -21.76
C THR B 220 4.17 12.10 -21.00
N GLY B 221 3.85 12.12 -19.71
CA GLY B 221 3.92 10.89 -18.93
C GLY B 221 2.86 9.88 -19.31
N ALA B 222 1.71 10.35 -19.80
CA ALA B 222 0.66 9.43 -20.20
C ALA B 222 0.98 8.75 -21.53
N SER B 223 1.69 9.44 -22.42
CA SER B 223 2.12 8.81 -23.67
C SER B 223 3.02 7.62 -23.41
N ALA B 224 3.91 7.73 -22.42
CA ALA B 224 4.85 6.65 -22.13
C ALA B 224 4.18 5.52 -21.35
N TRP B 225 3.56 5.85 -20.20
CA TRP B 225 2.92 4.82 -19.40
C TRP B 225 1.89 4.04 -20.20
N ARG B 226 1.28 4.68 -21.20
CA ARG B 226 0.37 3.97 -22.10
C ARG B 226 1.15 3.18 -23.14
N ASP B 227 2.25 3.73 -23.64
CA ASP B 227 3.08 3.07 -24.63
C ASP B 227 3.42 1.66 -24.17
N PRO B 228 2.97 0.61 -24.89
CA PRO B 228 3.32 -0.75 -24.47
C PRO B 228 4.80 -1.06 -24.61
N GLU B 229 5.55 -0.27 -25.37
CA GLU B 229 7.00 -0.40 -25.47
C GLU B 229 7.72 0.14 -24.24
N ARG B 230 6.99 0.44 -23.18
CA ARG B 230 7.54 0.92 -21.91
C ARG B 230 7.04 0.12 -20.72
N PHE B 231 5.80 -0.35 -20.75
CA PHE B 231 5.17 -1.03 -19.62
C PHE B 231 4.57 -2.34 -20.07
N ARG B 232 4.66 -3.37 -19.23
CA ARG B 232 4.10 -4.67 -19.53
C ARG B 232 3.59 -5.29 -18.23
N SER B 233 2.32 -5.69 -18.22
CA SER B 233 1.71 -6.28 -17.05
C SER B 233 1.31 -7.73 -17.32
N PHE B 234 1.49 -8.57 -16.29
CA PHE B 234 1.19 -9.98 -16.37
C PHE B 234 0.36 -10.38 -15.15
N LEU B 235 -0.67 -11.20 -15.38
CA LEU B 235 -1.46 -11.76 -14.31
C LEU B 235 -0.81 -13.05 -13.83
N VAL B 236 -0.91 -13.32 -12.53
CA VAL B 236 -0.40 -14.54 -11.95
C VAL B 236 -1.45 -15.15 -11.03
N MET B 237 -1.42 -16.47 -10.92
CA MET B 237 -2.42 -17.17 -10.14
C MET B 237 -1.89 -18.54 -9.73
N ASP B 238 -2.26 -18.96 -8.53
CA ASP B 238 -2.06 -20.33 -8.09
C ASP B 238 -3.14 -21.18 -8.75
N PRO B 239 -2.78 -22.05 -9.72
CA PRO B 239 -3.82 -22.78 -10.44
C PRO B 239 -4.69 -23.66 -9.56
N ASN B 240 -4.22 -24.00 -8.35
CA ASN B 240 -4.94 -24.89 -7.46
C ASN B 240 -5.77 -24.15 -6.42
N ASN B 241 -5.84 -22.84 -6.48
CA ASN B 241 -6.68 -22.05 -5.56
C ASN B 241 -7.77 -21.35 -6.35
N PRO B 242 -9.04 -21.74 -6.22
CA PRO B 242 -10.08 -21.06 -6.99
C PRO B 242 -10.15 -19.56 -6.72
N MET B 243 -9.85 -19.14 -5.49
N MET B 243 -9.84 -19.13 -5.50
CA MET B 243 -9.86 -17.72 -5.16
CA MET B 243 -9.89 -17.70 -5.21
C MET B 243 -8.72 -17.00 -5.87
C MET B 243 -8.72 -16.97 -5.85
N SER B 244 -7.58 -17.65 -6.04
CA SER B 244 -6.46 -17.02 -6.74
C SER B 244 -6.81 -16.79 -8.21
N VAL B 245 -7.46 -17.77 -8.84
CA VAL B 245 -7.85 -17.62 -10.24
C VAL B 245 -8.88 -16.51 -10.39
N LYS B 246 -9.88 -16.49 -9.50
CA LYS B 246 -10.91 -15.46 -9.57
C LYS B 246 -10.31 -14.07 -9.37
N ALA B 247 -9.37 -13.95 -8.43
CA ALA B 247 -8.75 -12.65 -8.18
C ALA B 247 -7.99 -12.16 -9.40
N ALA B 248 -7.31 -13.08 -10.10
CA ALA B 248 -6.62 -12.72 -11.34
C ALA B 248 -7.59 -12.06 -12.33
N LEU B 249 -8.76 -12.68 -12.53
CA LEU B 249 -9.73 -12.10 -13.45
C LEU B 249 -10.17 -10.73 -12.98
N ARG B 250 -10.35 -10.56 -11.67
CA ARG B 250 -10.67 -9.24 -11.13
C ARG B 250 -9.57 -8.23 -11.45
N TYR B 251 -8.31 -8.58 -11.17
CA TYR B 251 -7.22 -7.64 -11.40
C TYR B 251 -7.02 -7.36 -12.89
N TRP B 252 -7.43 -8.29 -13.76
CA TRP B 252 -7.50 -7.99 -15.19
C TRP B 252 -8.36 -6.76 -15.43
N GLY B 253 -9.61 -6.77 -14.94
CA GLY B 253 -10.48 -5.63 -15.14
C GLY B 253 -9.98 -4.38 -14.44
N CYS B 254 -9.37 -4.55 -13.27
CA CYS B 254 -8.76 -3.39 -12.60
C CYS B 254 -7.64 -2.81 -13.44
N THR B 255 -6.90 -3.64 -14.18
CA THR B 255 -5.87 -3.13 -15.07
C THR B 255 -6.47 -2.37 -16.23
N VAL B 256 -7.54 -2.90 -16.81
CA VAL B 256 -8.26 -2.18 -17.87
C VAL B 256 -8.79 -0.85 -17.33
N GLN B 257 -9.37 -0.88 -16.12
CA GLN B 257 -9.93 0.35 -15.55
C GLN B 257 -8.85 1.37 -15.24
N ALA B 258 -7.62 0.92 -14.98
CA ALA B 258 -6.51 1.83 -14.77
C ALA B 258 -6.10 2.54 -16.06
N GLY B 259 -6.58 2.08 -17.21
CA GLY B 259 -6.21 2.64 -18.48
C GLY B 259 -5.16 1.87 -19.24
N SER B 260 -5.00 0.57 -18.97
CA SER B 260 -3.91 -0.20 -19.54
C SER B 260 -4.46 -1.54 -20.02
N HIS B 261 -3.58 -2.53 -20.13
CA HIS B 261 -3.96 -3.84 -20.60
C HIS B 261 -3.01 -4.87 -19.99
N VAL B 262 -3.43 -6.14 -20.05
CA VAL B 262 -2.64 -7.26 -19.58
C VAL B 262 -1.95 -7.91 -20.78
N SER B 263 -0.67 -8.21 -20.63
CA SER B 263 0.10 -8.82 -21.72
C SER B 263 0.11 -10.34 -21.67
N GLY B 264 -0.31 -10.95 -20.57
CA GLY B 264 -0.33 -12.40 -20.47
C GLY B 264 -0.76 -12.83 -19.09
N ALA B 265 -1.00 -14.14 -18.96
CA ALA B 265 -1.46 -14.73 -17.71
C ALA B 265 -0.64 -15.98 -17.42
N PHE B 266 -0.15 -16.08 -16.18
CA PHE B 266 0.74 -17.15 -15.78
C PHE B 266 0.17 -17.94 -14.62
N ALA B 267 0.35 -19.26 -14.67
CA ALA B 267 0.04 -20.15 -13.55
C ALA B 267 1.37 -20.49 -12.87
N ILE B 268 1.58 -19.94 -11.68
CA ILE B 268 2.85 -20.09 -10.95
C ILE B 268 2.66 -21.19 -9.91
N SER B 269 3.44 -22.26 -10.04
CA SER B 269 3.42 -23.35 -9.08
C SER B 269 4.78 -23.40 -8.40
N SER B 270 4.81 -22.98 -7.13
CA SER B 270 6.01 -23.06 -6.32
C SER B 270 6.09 -24.36 -5.53
N SER B 271 5.12 -25.24 -5.68
CA SER B 271 5.10 -26.50 -4.96
C SER B 271 5.79 -27.59 -5.78
N HIS B 272 5.89 -28.79 -5.20
CA HIS B 272 6.58 -29.91 -5.85
C HIS B 272 5.56 -30.72 -6.66
N LEU B 273 5.05 -30.07 -7.69
CA LEU B 273 4.05 -30.68 -8.57
C LEU B 273 4.11 -29.97 -9.92
N THR B 274 3.55 -30.61 -10.94
CA THR B 274 3.48 -30.01 -12.27
C THR B 274 2.37 -28.97 -12.30
N SER B 275 2.68 -27.83 -12.94
CA SER B 275 1.78 -26.68 -12.91
C SER B 275 0.57 -26.94 -13.81
N GLN B 276 -0.60 -27.05 -13.20
CA GLN B 276 -1.85 -27.10 -13.95
C GLN B 276 -2.07 -25.78 -14.67
N ILE B 277 -2.89 -25.82 -15.73
CA ILE B 277 -3.25 -24.60 -16.46
C ILE B 277 -4.77 -24.47 -16.51
N PRO B 278 -5.35 -23.43 -15.86
CA PRO B 278 -6.76 -23.09 -16.08
C PRO B 278 -6.91 -22.00 -17.15
N LYS B 279 -6.51 -22.36 -18.38
CA LYS B 279 -6.36 -21.41 -19.48
C LYS B 279 -7.69 -20.95 -20.06
N ALA B 280 -8.81 -21.57 -19.69
CA ALA B 280 -10.06 -21.31 -20.37
C ALA B 280 -10.61 -19.93 -20.06
N ASP B 281 -10.48 -19.48 -18.81
CA ASP B 281 -11.11 -18.24 -18.38
C ASP B 281 -10.33 -16.99 -18.78
N PHE B 282 -9.09 -17.13 -19.27
CA PHE B 282 -8.23 -15.97 -19.51
C PHE B 282 -7.95 -15.71 -20.98
N VAL B 283 -8.44 -16.56 -21.87
CA VAL B 283 -8.33 -16.25 -23.31
C VAL B 283 -9.04 -14.94 -23.57
N PRO B 284 -8.55 -14.09 -24.48
CA PRO B 284 -7.48 -14.32 -25.46
C PRO B 284 -6.07 -14.13 -24.93
N LEU B 285 -5.87 -13.81 -23.66
CA LEU B 285 -4.52 -13.54 -23.18
C LEU B 285 -3.63 -14.74 -23.47
N PRO B 286 -2.37 -14.52 -23.86
CA PRO B 286 -1.42 -15.64 -23.93
C PRO B 286 -1.22 -16.24 -22.55
N PHE B 287 -1.27 -17.57 -22.48
CA PHE B 287 -1.19 -18.28 -21.21
C PHE B 287 0.04 -19.17 -21.18
N ALA B 288 0.62 -19.29 -19.99
CA ALA B 288 1.78 -20.16 -19.79
C ALA B 288 1.85 -20.49 -18.31
N SER B 289 2.62 -21.53 -18.00
CA SER B 289 2.80 -21.99 -16.63
C SER B 289 4.29 -22.07 -16.33
N ALA B 290 4.61 -22.05 -15.03
CA ALA B 290 5.99 -22.12 -14.59
C ALA B 290 6.07 -23.00 -13.34
N SER B 291 7.09 -23.84 -13.30
CA SER B 291 7.34 -24.73 -12.17
C SER B 291 8.64 -24.29 -11.51
N VAL B 292 8.54 -23.74 -10.31
CA VAL B 292 9.70 -23.26 -9.56
C VAL B 292 9.64 -23.87 -8.16
N PRO B 293 10.13 -25.08 -7.97
CA PRO B 293 10.00 -25.75 -6.66
C PRO B 293 10.87 -25.07 -5.60
N PHE B 294 10.28 -24.82 -4.43
CA PHE B 294 10.99 -24.25 -3.30
C PHE B 294 11.78 -25.36 -2.62
N THR B 295 13.04 -25.53 -3.05
CA THR B 295 13.91 -26.56 -2.49
C THR B 295 14.63 -26.04 -1.26
N ILE B 296 14.77 -26.90 -0.25
CA ILE B 296 15.34 -26.46 1.02
C ILE B 296 16.83 -26.19 0.89
N THR B 297 17.50 -26.83 -0.07
CA THR B 297 18.93 -26.62 -0.28
C THR B 297 19.24 -25.39 -1.14
N GLY B 298 18.23 -24.67 -1.59
CA GLY B 298 18.44 -23.51 -2.44
C GLY B 298 18.04 -23.81 -3.87
N LEU B 299 17.49 -22.81 -4.55
CA LEU B 299 16.99 -23.01 -5.89
C LEU B 299 18.15 -23.19 -6.88
N ASP B 300 17.96 -24.12 -7.81
CA ASP B 300 18.90 -24.33 -8.92
C ASP B 300 18.31 -23.62 -10.13
N TRP B 301 18.70 -22.37 -10.32
CA TRP B 301 18.13 -21.57 -11.40
C TRP B 301 18.56 -22.08 -12.76
N ASP B 302 19.76 -22.65 -12.87
CA ASP B 302 20.18 -23.28 -14.11
C ASP B 302 19.21 -24.36 -14.53
N LYS B 303 18.81 -25.22 -13.58
CA LYS B 303 17.85 -26.27 -13.89
C LYS B 303 16.48 -25.69 -14.19
N ILE B 304 16.00 -24.80 -13.32
CA ILE B 304 14.66 -24.24 -13.48
C ILE B 304 14.52 -23.60 -14.86
N LEU B 305 15.47 -22.75 -15.23
CA LEU B 305 15.36 -22.03 -16.49
C LEU B 305 15.46 -22.96 -17.69
N LEU B 306 16.10 -24.11 -17.53
CA LEU B 306 16.25 -25.07 -18.62
C LEU B 306 15.17 -26.14 -18.62
N ASP B 307 14.37 -26.24 -17.56
CA ASP B 307 13.30 -27.22 -17.53
C ASP B 307 12.34 -26.99 -18.69
N GLN B 308 11.97 -28.08 -19.37
CA GLN B 308 11.07 -27.97 -20.52
C GLN B 308 9.72 -27.41 -20.10
N ALA B 309 9.30 -27.65 -18.86
CA ALA B 309 8.00 -27.18 -18.41
C ALA B 309 7.91 -25.67 -18.43
N ASN B 310 9.05 -24.97 -18.32
CA ASN B 310 9.09 -23.52 -18.30
C ASN B 310 9.49 -22.93 -19.64
N SER B 311 9.63 -23.76 -20.68
CA SER B 311 9.98 -23.23 -22.00
C SER B 311 8.93 -22.25 -22.49
N SER B 312 7.65 -22.58 -22.30
CA SER B 312 6.58 -21.71 -22.79
C SER B 312 6.65 -20.34 -22.15
N ILE B 313 6.66 -20.28 -20.81
CA ILE B 313 6.69 -18.99 -20.13
C ILE B 313 7.93 -18.20 -20.53
N ARG B 314 9.05 -18.88 -20.73
CA ARG B 314 10.28 -18.18 -21.11
C ARG B 314 10.14 -17.53 -22.48
N GLU B 315 9.60 -18.27 -23.46
CA GLU B 315 9.36 -17.68 -24.77
C GLU B 315 8.41 -16.49 -24.65
N LEU B 316 7.27 -16.69 -23.99
CA LEU B 316 6.30 -15.61 -23.83
C LEU B 316 6.95 -14.36 -23.24
N LEU B 317 7.76 -14.53 -22.19
CA LEU B 317 8.38 -13.38 -21.56
C LEU B 317 9.26 -12.61 -22.54
N SER B 318 10.02 -13.33 -23.38
CA SER B 318 10.91 -12.67 -24.31
C SER B 318 10.14 -12.04 -25.47
N GLU B 319 9.13 -12.75 -26.00
CA GLU B 319 8.33 -12.19 -27.07
C GLU B 319 7.61 -10.93 -26.63
N THR B 320 7.23 -10.86 -25.35
CA THR B 320 6.43 -9.74 -24.87
C THR B 320 7.27 -8.47 -24.78
N VAL B 321 8.48 -8.56 -24.21
CA VAL B 321 9.34 -7.39 -24.13
C VAL B 321 9.94 -7.05 -25.48
N SER B 322 10.04 -8.03 -26.39
CA SER B 322 10.54 -7.77 -27.74
C SER B 322 9.51 -7.07 -28.61
N HIS B 323 8.22 -7.14 -28.26
CA HIS B 323 7.17 -6.50 -29.03
C HIS B 323 7.02 -7.16 -30.40
N GLN B 329 -7.59 -4.25 -27.41
CA GLN B 329 -7.93 -2.88 -27.03
C GLN B 329 -9.09 -2.90 -26.04
N THR B 330 -9.12 -1.92 -25.16
CA THR B 330 -10.11 -1.88 -24.08
C THR B 330 -11.42 -1.23 -24.52
N VAL B 331 -11.38 -0.28 -25.44
CA VAL B 331 -12.56 0.41 -25.93
C VAL B 331 -12.63 0.27 -27.45
N MET B 332 -13.81 -0.04 -27.95
CA MET B 332 -14.07 -0.12 -29.38
C MET B 332 -15.30 0.72 -29.69
N PHE B 333 -15.14 1.68 -30.58
CA PHE B 333 -16.22 2.59 -30.96
C PHE B 333 -16.85 2.14 -32.27
N ASP B 334 -18.17 2.27 -32.35
CA ASP B 334 -18.94 1.96 -33.56
C ASP B 334 -19.63 3.24 -34.01
N THR B 335 -19.04 3.90 -35.01
CA THR B 335 -19.55 5.20 -35.44
C THR B 335 -20.97 5.10 -35.99
N ALA B 336 -21.32 3.96 -36.58
CA ALA B 336 -22.64 3.81 -37.20
C ALA B 336 -23.74 3.66 -36.16
N LYS B 337 -23.65 2.62 -35.33
CA LYS B 337 -24.70 2.29 -34.37
C LYS B 337 -24.65 3.14 -33.11
N LYS B 338 -23.68 4.03 -32.98
CA LYS B 338 -23.51 4.86 -31.78
C LYS B 338 -23.27 3.99 -30.54
N LEU B 339 -22.14 3.27 -30.56
CA LEU B 339 -21.82 2.31 -29.53
C LEU B 339 -20.41 2.52 -29.01
N VAL B 340 -20.24 2.25 -27.70
CA VAL B 340 -18.94 2.19 -27.06
C VAL B 340 -18.85 0.83 -26.38
N THR B 341 -18.03 -0.06 -26.93
CA THR B 341 -17.87 -1.41 -26.40
C THR B 341 -16.67 -1.42 -25.43
N LEU B 342 -16.95 -1.68 -24.17
CA LEU B 342 -15.95 -1.63 -23.11
C LEU B 342 -15.67 -3.05 -22.62
N PHE B 343 -14.47 -3.55 -22.91
CA PHE B 343 -14.04 -4.84 -22.37
C PHE B 343 -13.87 -4.69 -20.85
N MET B 344 -14.59 -5.51 -20.08
CA MET B 344 -14.61 -5.41 -18.63
C MET B 344 -14.53 -6.80 -18.01
N PRO B 345 -13.39 -7.47 -18.15
CA PRO B 345 -13.21 -8.76 -17.46
C PRO B 345 -13.19 -8.60 -15.95
N GLY B 346 -13.62 -9.64 -15.26
CA GLY B 346 -13.65 -9.63 -13.81
C GLY B 346 -14.73 -8.76 -13.20
N PHE B 347 -15.59 -8.17 -14.00
CA PHE B 347 -16.65 -7.30 -13.51
C PHE B 347 -18.02 -7.87 -13.88
N GLU B 348 -19.01 -7.50 -13.09
CA GLU B 348 -20.41 -7.77 -13.39
C GLU B 348 -21.11 -6.44 -13.69
N LYS B 349 -22.17 -6.51 -14.49
CA LYS B 349 -22.88 -5.30 -14.89
C LYS B 349 -23.18 -4.40 -13.68
N SER B 350 -23.60 -5.01 -12.56
CA SER B 350 -23.96 -4.22 -11.39
C SER B 350 -22.79 -3.40 -10.88
N GLU B 351 -21.57 -3.91 -11.00
CA GLU B 351 -20.40 -3.23 -10.45
C GLU B 351 -19.90 -2.09 -11.32
N ILE B 352 -20.38 -1.98 -12.55
CA ILE B 352 -19.93 -0.97 -13.50
C ILE B 352 -20.99 0.13 -13.56
N LYS B 353 -20.61 1.34 -13.15
CA LYS B 353 -21.49 2.49 -13.18
C LYS B 353 -20.95 3.50 -14.16
N LEU B 354 -21.83 4.01 -15.02
CA LEU B 354 -21.46 4.96 -16.06
C LEU B 354 -22.03 6.33 -15.70
N TYR B 355 -21.19 7.37 -15.79
CA TYR B 355 -21.57 8.73 -15.48
C TYR B 355 -21.14 9.65 -16.61
N GLN B 356 -21.77 10.82 -16.67
CA GLN B 356 -21.47 11.83 -17.69
C GLN B 356 -21.60 13.20 -17.05
N TYR B 357 -20.46 13.81 -16.73
CA TYR B 357 -20.44 15.12 -16.08
C TYR B 357 -20.03 16.25 -17.03
N ARG B 358 -19.68 15.93 -18.27
CA ARG B 358 -19.20 16.91 -19.23
C ARG B 358 -20.05 16.87 -20.49
N GLY B 359 -21.36 16.65 -20.33
CA GLY B 359 -22.24 16.54 -21.47
C GLY B 359 -22.00 15.24 -22.22
N GLY B 360 -22.26 15.28 -23.53
CA GLY B 360 -21.96 14.17 -24.39
C GLY B 360 -20.51 14.10 -24.83
N SER B 361 -19.64 14.90 -24.23
CA SER B 361 -18.24 14.93 -24.65
C SER B 361 -17.48 13.70 -24.17
N GLU B 362 -17.75 13.25 -22.95
CA GLU B 362 -17.01 12.15 -22.36
C GLU B 362 -17.94 11.19 -21.64
N LEU B 363 -17.39 10.03 -21.30
CA LEU B 363 -18.09 9.00 -20.54
C LEU B 363 -17.16 8.54 -19.43
N LEU B 364 -17.61 8.64 -18.18
CA LEU B 364 -16.83 8.22 -17.03
C LEU B 364 -17.29 6.84 -16.59
N ILE B 365 -16.32 5.96 -16.34
CA ILE B 365 -16.58 4.57 -15.95
C ILE B 365 -16.06 4.38 -14.54
N GLU B 366 -16.93 3.87 -13.66
CA GLU B 366 -16.61 3.65 -12.25
C GLU B 366 -16.69 2.17 -11.97
N ALA B 367 -15.54 1.55 -11.69
CA ALA B 367 -15.48 0.13 -11.38
C ALA B 367 -14.13 -0.17 -10.75
N GLY B 368 -14.11 -1.18 -9.89
CA GLY B 368 -12.87 -1.56 -9.22
C GLY B 368 -12.24 -0.47 -8.39
N ASP B 369 -13.06 0.42 -7.82
CA ASP B 369 -12.57 1.57 -7.05
C ASP B 369 -11.58 2.41 -7.86
N GLN B 370 -11.92 2.63 -9.13
CA GLN B 370 -11.16 3.55 -9.97
C GLN B 370 -12.10 4.16 -11.00
N ARG B 371 -11.81 5.39 -11.38
CA ARG B 371 -12.57 6.11 -12.38
C ARG B 371 -11.71 6.27 -13.63
N ARG B 372 -12.34 6.08 -14.79
CA ARG B 372 -11.67 6.18 -16.07
C ARG B 372 -12.53 7.02 -17.00
N VAL B 373 -11.96 8.10 -17.52
CA VAL B 373 -12.66 8.99 -18.43
C VAL B 373 -12.37 8.55 -19.86
N ILE B 374 -13.42 8.27 -20.61
CA ILE B 374 -13.33 7.91 -22.02
C ILE B 374 -13.90 9.07 -22.83
N HIS B 375 -13.04 9.85 -23.46
CA HIS B 375 -13.51 10.91 -24.33
C HIS B 375 -14.10 10.30 -25.59
N LEU B 376 -15.28 10.79 -25.98
CA LEU B 376 -16.04 10.15 -27.05
C LEU B 376 -15.81 10.86 -28.39
N PRO B 377 -15.63 10.12 -29.48
CA PRO B 377 -15.48 10.78 -30.79
C PRO B 377 -16.74 11.55 -31.18
N SER B 378 -16.57 12.44 -32.17
CA SER B 378 -17.65 13.31 -32.59
C SER B 378 -18.93 12.53 -32.89
N GLN B 379 -18.82 11.44 -33.63
CA GLN B 379 -20.01 10.67 -34.00
C GLN B 379 -20.67 10.04 -32.77
N ILE B 380 -19.88 9.64 -31.78
CA ILE B 380 -20.43 8.96 -30.60
C ILE B 380 -20.96 9.95 -29.58
N GLN B 381 -20.53 11.20 -29.61
CA GLN B 381 -20.88 12.16 -28.57
C GLN B 381 -22.39 12.23 -28.37
N GLY B 382 -22.79 12.22 -27.11
CA GLY B 382 -24.20 12.18 -26.77
C GLY B 382 -24.37 11.66 -25.35
N LYS B 383 -25.62 11.44 -24.98
CA LYS B 383 -25.95 10.89 -23.67
C LYS B 383 -26.18 9.39 -23.77
N VAL B 384 -25.94 8.69 -22.65
CA VAL B 384 -26.07 7.24 -22.64
C VAL B 384 -27.54 6.86 -22.69
N GLY B 385 -27.89 6.02 -23.67
CA GLY B 385 -29.26 5.54 -23.79
C GLY B 385 -29.48 4.27 -23.01
N GLY B 386 -28.61 3.29 -23.23
CA GLY B 386 -28.70 2.02 -22.52
C GLY B 386 -27.37 1.31 -22.58
N ALA B 387 -27.27 0.24 -21.80
CA ALA B 387 -26.06 -0.57 -21.77
C ALA B 387 -26.44 -2.02 -21.53
N LYS B 388 -25.65 -2.92 -22.11
CA LYS B 388 -25.86 -4.36 -22.00
C LYS B 388 -24.52 -5.04 -21.84
N PHE B 389 -24.44 -5.99 -20.91
CA PHE B 389 -23.23 -6.75 -20.65
C PHE B 389 -23.34 -8.09 -21.36
N VAL B 390 -22.65 -8.22 -22.49
CA VAL B 390 -22.59 -9.46 -23.26
C VAL B 390 -21.21 -10.06 -23.09
N ASP B 391 -21.15 -11.31 -22.65
CA ASP B 391 -19.87 -11.97 -22.40
C ASP B 391 -19.14 -11.23 -21.29
N ARG B 392 -18.03 -10.56 -21.61
CA ARG B 392 -17.30 -9.77 -20.63
C ARG B 392 -17.14 -8.32 -21.08
N SER B 393 -17.95 -7.88 -22.03
CA SER B 393 -17.87 -6.53 -22.57
C SER B 393 -19.22 -5.83 -22.40
N LEU B 394 -19.17 -4.56 -22.04
CA LEU B 394 -20.35 -3.73 -21.88
C LEU B 394 -20.55 -2.90 -23.14
N ILE B 395 -21.68 -3.12 -23.81
CA ILE B 395 -22.03 -2.38 -25.02
C ILE B 395 -22.90 -1.20 -24.59
N VAL B 396 -22.37 0.02 -24.74
CA VAL B 396 -23.08 1.23 -24.36
C VAL B 396 -23.59 1.90 -25.62
N THR B 397 -24.91 2.00 -25.75
CA THR B 397 -25.55 2.67 -26.88
C THR B 397 -25.75 4.14 -26.54
N MET B 398 -25.28 5.01 -27.42
CA MET B 398 -25.39 6.45 -27.23
C MET B 398 -26.56 7.01 -28.04
N ARG B 399 -27.15 8.09 -27.53
CA ARG B 399 -28.27 8.76 -28.18
C ARG B 399 -27.93 10.23 -28.39
N LEU B 400 -28.34 10.76 -29.53
CA LEU B 400 -28.01 12.14 -29.89
C LEU B 400 -29.24 13.05 -29.75
#